data_3CGE
#
_entry.id   3CGE
#
_cell.length_a   169.332
_cell.length_b   81.601
_cell.length_c   98.384
_cell.angle_alpha   90.00
_cell.angle_beta   104.11
_cell.angle_gamma   90.00
#
_symmetry.space_group_name_H-M   'C 1 2 1'
#
loop_
_entity.id
_entity.type
_entity.pdbx_description
1 polymer 'Pyridine nucleotide-disulfide oxidoreductase, class I'
2 non-polymer 'COENZYME A'
3 non-polymer 'FLAVIN-ADENINE DINUCLEOTIDE'
4 non-polymer 'NADPH DIHYDRO-NICOTINAMIDE-ADENINE-DINUCLEOTIDE PHOSPHATE'
5 water water
#
_entity_poly.entity_id   1
_entity_poly.type   'polypeptide(L)'
_entity_poly.pdbx_seq_one_letter_code
;MGGSHHHHHHGMASMTGGQQMGRTLYDDDDKDRWGSMNYVIIGGDAAGMSAAMQIVRNDENANVVTLEKGEIYSYAQCGL
PYVISGAIASTEKLIARNVKTFRDKYGIDAKVRHEVTKVDTEKKIVYAEHTKTKDVFEFSYDRLLIATGVRPVMPEWEGR
DLQGVHLLKTIPDAERILKTLETNKVEDVTIIGGGAIGLEMAETFVELGKKVRMIERNDHIGTIYDGDMAEYIYKEADKH
HIEILTNENVKAFKGNERVEAVETDKGTYKADLVLVSVGVKPNTDFLEGTNIRTNHKGAIEVNAYMQTNVQDVYAAGDCA
THYHVIKEIHDHIPIGTTANKQGRLAGLNMLDKRRAFKGTLGTGIIKFMNLTLARTGLNEKEAKGLHIPYKTVKVDSTNM
AGYYPNAKPLYLKLLYRSDTKQLLGGQVIGEEGVDKRIDVIAMALFNKMSIHDLEDVDLSYAPPYNSVWDPIQQAARRAE
;
_entity_poly.pdbx_strand_id   A,B
#
# COMPACT_ATOMS: atom_id res chain seq x y z
N MET A 37 -24.33 -14.67 -31.22
CA MET A 37 -24.15 -16.07 -30.76
C MET A 37 -22.74 -16.62 -31.05
N ASN A 38 -22.18 -16.31 -32.22
CA ASN A 38 -20.83 -16.77 -32.54
C ASN A 38 -19.71 -15.81 -32.14
N TYR A 39 -19.03 -16.13 -31.05
CA TYR A 39 -17.90 -15.37 -30.59
C TYR A 39 -16.63 -16.14 -30.90
N VAL A 40 -15.67 -15.44 -31.49
CA VAL A 40 -14.36 -16.00 -31.76
C VAL A 40 -13.32 -15.15 -31.06
N ILE A 41 -12.40 -15.83 -30.38
CA ILE A 41 -11.34 -15.15 -29.66
C ILE A 41 -10.00 -15.74 -30.11
N ILE A 42 -9.12 -14.87 -30.57
CA ILE A 42 -7.78 -15.29 -30.97
C ILE A 42 -6.82 -15.03 -29.81
N GLY A 43 -6.26 -16.09 -29.26
CA GLY A 43 -5.35 -15.99 -28.12
C GLY A 43 -5.99 -16.54 -26.85
N GLY A 44 -5.32 -17.52 -26.25
CA GLY A 44 -5.90 -18.24 -25.12
C GLY A 44 -5.23 -17.99 -23.78
N ASP A 45 -4.87 -16.74 -23.52
CA ASP A 45 -4.26 -16.40 -22.24
C ASP A 45 -5.03 -15.29 -21.52
N ALA A 46 -4.30 -14.34 -20.92
CA ALA A 46 -4.90 -13.36 -20.01
C ALA A 46 -6.08 -12.59 -20.60
N ALA A 47 -5.86 -11.87 -21.69
CA ALA A 47 -6.93 -11.06 -22.28
C ALA A 47 -8.00 -11.94 -22.90
N GLY A 48 -7.59 -12.94 -23.68
CA GLY A 48 -8.53 -13.83 -24.36
C GLY A 48 -9.50 -14.56 -23.47
N MET A 49 -8.98 -15.22 -22.44
CA MET A 49 -9.82 -16.01 -21.55
C MET A 49 -10.58 -15.19 -20.51
N SER A 50 -10.04 -14.02 -20.15
CA SER A 50 -10.81 -13.08 -19.32
C SER A 50 -12.09 -12.68 -20.05
N ALA A 51 -11.99 -12.47 -21.36
CA ALA A 51 -13.13 -12.15 -22.21
C ALA A 51 -14.06 -13.34 -22.36
N ALA A 52 -13.49 -14.52 -22.57
CA ALA A 52 -14.24 -15.77 -22.69
C ALA A 52 -15.12 -16.03 -21.47
N MET A 53 -14.54 -15.83 -20.28
CA MET A 53 -15.27 -16.06 -19.05
C MET A 53 -16.46 -15.11 -18.88
N GLN A 54 -16.29 -13.86 -19.30
CA GLN A 54 -17.38 -12.89 -19.25
C GLN A 54 -18.55 -13.31 -20.16
N ILE A 55 -18.22 -13.67 -21.40
CA ILE A 55 -19.21 -14.09 -22.38
C ILE A 55 -19.98 -15.32 -21.91
N VAL A 56 -19.24 -16.30 -21.43
CA VAL A 56 -19.80 -17.56 -20.95
C VAL A 56 -20.69 -17.37 -19.72
N ARG A 57 -20.29 -16.50 -18.81
CA ARG A 57 -21.09 -16.24 -17.62
C ARG A 57 -22.33 -15.41 -17.90
N ASN A 58 -22.24 -14.51 -18.88
CA ASN A 58 -23.33 -13.57 -19.15
C ASN A 58 -24.16 -13.83 -20.41
N ASP A 59 -23.93 -14.98 -21.06
CA ASP A 59 -24.79 -15.45 -22.16
C ASP A 59 -24.78 -16.98 -22.26
N GLU A 60 -25.88 -17.59 -21.81
CA GLU A 60 -26.05 -19.04 -21.78
C GLU A 60 -26.06 -19.67 -23.17
N ASN A 61 -26.42 -18.88 -24.18
CA ASN A 61 -26.59 -19.39 -25.55
C ASN A 61 -25.37 -19.24 -26.44
N ALA A 62 -24.38 -18.47 -25.98
CA ALA A 62 -23.20 -18.16 -26.79
C ALA A 62 -22.40 -19.37 -27.22
N ASN A 63 -21.91 -19.32 -28.47
CA ASN A 63 -20.92 -20.25 -28.97
C ASN A 63 -19.55 -19.57 -28.97
N VAL A 64 -18.70 -19.98 -28.03
CA VAL A 64 -17.37 -19.40 -27.89
C VAL A 64 -16.29 -20.33 -28.42
N VAL A 65 -15.65 -19.91 -29.51
CA VAL A 65 -14.46 -20.56 -30.04
C VAL A 65 -13.25 -19.70 -29.66
N THR A 66 -12.27 -20.31 -28.99
CA THR A 66 -11.00 -19.64 -28.74
C THR A 66 -9.89 -20.37 -29.49
N LEU A 67 -9.04 -19.59 -30.16
CA LEU A 67 -8.00 -20.12 -31.02
C LEU A 67 -6.62 -19.81 -30.45
N GLU A 68 -5.94 -20.85 -30.00
CA GLU A 68 -4.62 -20.70 -29.41
C GLU A 68 -3.58 -21.44 -30.25
N LYS A 69 -2.55 -20.70 -30.62
CA LYS A 69 -1.44 -21.16 -31.44
C LYS A 69 -0.63 -22.24 -30.72
N GLY A 70 -0.43 -22.06 -29.42
CA GLY A 70 0.33 -23.02 -28.61
C GLY A 70 -0.54 -24.14 -28.06
N GLU A 71 -0.03 -24.82 -27.03
CA GLU A 71 -0.72 -25.96 -26.44
C GLU A 71 -1.21 -25.67 -25.02
N ILE A 72 -0.90 -24.47 -24.53
CA ILE A 72 -1.16 -24.13 -23.12
C ILE A 72 -2.02 -22.86 -22.99
N TYR A 73 -3.16 -23.01 -22.30
CA TYR A 73 -4.05 -21.91 -21.99
C TYR A 73 -3.79 -21.33 -20.60
N SER A 74 -4.26 -20.11 -20.36
CA SER A 74 -4.30 -19.48 -19.03
C SER A 74 -3.14 -19.85 -18.12
N TYR A 75 -1.97 -19.28 -18.38
CA TYR A 75 -0.80 -19.56 -17.57
C TYR A 75 -0.13 -18.25 -17.16
N ALA A 76 0.65 -18.28 -16.09
CA ALA A 76 1.25 -17.08 -15.53
C ALA A 76 2.68 -16.85 -16.04
N GLN A 77 2.82 -16.04 -17.09
CA GLN A 77 4.14 -15.67 -17.62
C GLN A 77 5.02 -15.02 -16.56
N CYS A 78 4.36 -14.38 -15.58
CA CYS A 78 5.04 -13.67 -14.50
C CYS A 78 5.86 -14.56 -13.58
N GLY A 79 5.49 -15.84 -13.51
CA GLY A 79 6.18 -16.81 -12.66
C GLY A 79 7.35 -17.54 -13.29
N LEU A 80 7.55 -17.35 -14.60
CA LEU A 80 8.61 -18.04 -15.36
C LEU A 80 10.02 -17.81 -14.79
N PRO A 81 10.41 -16.55 -14.52
CA PRO A 81 11.75 -16.35 -13.93
C PRO A 81 11.94 -17.10 -12.62
N TYR A 82 10.85 -17.31 -11.88
CA TYR A 82 10.89 -17.95 -10.57
C TYR A 82 10.81 -19.47 -10.66
N VAL A 83 10.35 -19.98 -11.80
CA VAL A 83 10.46 -21.40 -12.09
C VAL A 83 11.92 -21.73 -12.43
N ILE A 84 12.52 -20.91 -13.29
CA ILE A 84 13.91 -21.11 -13.72
C ILE A 84 14.91 -21.00 -12.55
N SER A 85 14.62 -20.16 -11.57
CA SER A 85 15.47 -20.02 -10.38
C SER A 85 15.35 -21.21 -9.42
N GLY A 86 14.27 -21.96 -9.56
CA GLY A 86 13.99 -23.10 -8.67
C GLY A 86 13.09 -22.74 -7.50
N ALA A 87 12.64 -21.48 -7.46
CA ALA A 87 11.77 -20.99 -6.38
C ALA A 87 10.38 -21.62 -6.47
N ILE A 88 9.94 -21.89 -7.69
CA ILE A 88 8.68 -22.59 -7.97
C ILE A 88 9.03 -23.97 -8.54
N ALA A 89 8.33 -24.98 -8.05
CA ALA A 89 8.64 -26.38 -8.38
C ALA A 89 8.75 -26.63 -9.89
N SER A 90 7.74 -26.20 -10.64
CA SER A 90 7.65 -26.47 -12.07
C SER A 90 6.67 -25.52 -12.75
N THR A 91 6.72 -25.50 -14.08
CA THR A 91 5.86 -24.65 -14.90
C THR A 91 4.38 -25.03 -14.78
N GLU A 92 4.12 -26.27 -14.37
CA GLU A 92 2.76 -26.78 -14.13
C GLU A 92 2.02 -25.93 -13.08
N LYS A 93 2.77 -25.42 -12.10
CA LYS A 93 2.23 -24.58 -11.04
C LYS A 93 1.76 -23.22 -11.56
N LEU A 94 2.10 -22.91 -12.80
CA LEU A 94 1.77 -21.61 -13.40
C LEU A 94 0.48 -21.61 -14.20
N ILE A 95 -0.11 -22.79 -14.38
CA ILE A 95 -1.38 -22.89 -15.11
C ILE A 95 -2.55 -22.51 -14.21
N ALA A 96 -3.24 -21.43 -14.55
CA ALA A 96 -4.37 -20.94 -13.78
C ALA A 96 -5.64 -21.76 -14.04
N ARG A 97 -5.82 -22.18 -15.28
CA ARG A 97 -7.01 -22.93 -15.70
C ARG A 97 -6.70 -23.81 -16.91
N ASN A 98 -6.98 -25.11 -16.79
CA ASN A 98 -6.78 -26.09 -17.86
C ASN A 98 -7.72 -25.89 -19.04
N VAL A 99 -7.26 -26.24 -20.23
CA VAL A 99 -8.10 -26.22 -21.42
C VAL A 99 -9.29 -27.18 -21.26
N LYS A 100 -9.06 -28.28 -20.55
CA LYS A 100 -10.10 -29.27 -20.25
C LYS A 100 -11.20 -28.68 -19.37
N THR A 101 -10.81 -27.86 -18.40
CA THR A 101 -11.75 -27.12 -17.57
C THR A 101 -12.60 -26.17 -18.44
N PHE A 102 -11.93 -25.41 -19.31
CA PHE A 102 -12.60 -24.48 -20.22
C PHE A 102 -13.66 -25.17 -21.09
N ARG A 103 -13.31 -26.35 -21.60
CA ARG A 103 -14.21 -27.13 -22.44
C ARG A 103 -15.34 -27.78 -21.67
N ASP A 104 -15.00 -28.58 -20.66
CA ASP A 104 -15.99 -29.40 -19.93
C ASP A 104 -16.91 -28.57 -19.03
N LYS A 105 -16.33 -27.66 -18.25
CA LYS A 105 -17.08 -26.92 -17.24
C LYS A 105 -17.75 -25.66 -17.80
N TYR A 106 -17.12 -25.02 -18.78
CA TYR A 106 -17.64 -23.76 -19.32
C TYR A 106 -18.16 -23.85 -20.75
N GLY A 107 -17.99 -25.00 -21.39
CA GLY A 107 -18.51 -25.24 -22.74
C GLY A 107 -17.90 -24.36 -23.81
N ILE A 108 -16.64 -23.94 -23.61
CA ILE A 108 -15.89 -23.18 -24.61
C ILE A 108 -15.22 -24.15 -25.58
N ASP A 109 -15.41 -23.91 -26.88
CA ASP A 109 -14.73 -24.67 -27.93
C ASP A 109 -13.28 -24.17 -28.01
N ALA A 110 -12.47 -24.58 -27.03
CA ALA A 110 -11.09 -24.13 -26.92
C ALA A 110 -10.15 -24.97 -27.78
N LYS A 111 -9.56 -24.34 -28.79
CA LYS A 111 -8.68 -25.04 -29.72
C LYS A 111 -7.21 -24.75 -29.37
N VAL A 112 -6.38 -25.79 -29.43
CA VAL A 112 -4.93 -25.66 -29.28
C VAL A 112 -4.28 -25.87 -30.64
N ARG A 113 -3.05 -25.41 -30.80
CA ARG A 113 -2.31 -25.58 -32.06
C ARG A 113 -3.05 -25.00 -33.28
N HIS A 114 -3.87 -23.99 -33.06
CA HIS A 114 -4.59 -23.30 -34.13
C HIS A 114 -4.03 -21.89 -34.29
N GLU A 115 -3.17 -21.73 -35.29
CA GLU A 115 -2.57 -20.44 -35.57
C GLU A 115 -3.39 -19.69 -36.62
N VAL A 116 -3.90 -18.52 -36.24
CA VAL A 116 -4.67 -17.69 -37.16
C VAL A 116 -3.71 -17.01 -38.13
N THR A 117 -3.98 -17.22 -39.42
CA THR A 117 -3.12 -16.72 -40.50
C THR A 117 -3.73 -15.53 -41.19
N LYS A 118 -5.07 -15.47 -41.22
CA LYS A 118 -5.78 -14.31 -41.75
C LYS A 118 -7.21 -14.19 -41.28
N VAL A 119 -7.72 -12.96 -41.34
CA VAL A 119 -9.10 -12.67 -41.01
C VAL A 119 -9.74 -11.97 -42.19
N ASP A 120 -10.93 -12.43 -42.57
CA ASP A 120 -11.74 -11.73 -43.56
C ASP A 120 -12.86 -11.03 -42.83
N THR A 121 -12.75 -9.71 -42.69
CA THR A 121 -13.68 -8.93 -41.87
C THR A 121 -14.97 -8.61 -42.61
N GLU A 122 -14.96 -8.73 -43.94
CA GLU A 122 -16.18 -8.55 -44.73
C GLU A 122 -17.06 -9.80 -44.67
N LYS A 123 -16.46 -10.97 -44.89
CA LYS A 123 -17.18 -12.25 -44.80
C LYS A 123 -17.33 -12.72 -43.36
N LYS A 124 -16.56 -12.11 -42.45
CA LYS A 124 -16.56 -12.46 -41.03
C LYS A 124 -16.08 -13.91 -40.82
N ILE A 125 -14.91 -14.20 -41.37
CA ILE A 125 -14.32 -15.53 -41.29
C ILE A 125 -12.89 -15.43 -40.80
N VAL A 126 -12.53 -16.30 -39.86
CA VAL A 126 -11.17 -16.38 -39.33
C VAL A 126 -10.51 -17.65 -39.86
N TYR A 127 -9.31 -17.52 -40.42
CA TYR A 127 -8.60 -18.66 -41.00
C TYR A 127 -7.45 -19.08 -40.10
N ALA A 128 -7.53 -20.31 -39.61
CA ALA A 128 -6.51 -20.87 -38.74
C ALA A 128 -5.84 -22.08 -39.38
N GLU A 129 -4.52 -22.09 -39.28
CA GLU A 129 -3.70 -23.19 -39.76
C GLU A 129 -3.30 -24.03 -38.56
N HIS A 130 -3.51 -25.35 -38.65
CA HIS A 130 -3.04 -26.25 -37.60
C HIS A 130 -1.51 -26.30 -37.65
N THR A 131 -0.88 -26.06 -36.50
CA THR A 131 0.58 -25.86 -36.46
C THR A 131 1.38 -27.11 -36.77
N LYS A 132 0.77 -28.29 -36.61
CA LYS A 132 1.45 -29.56 -36.89
C LYS A 132 1.04 -30.13 -38.26
N THR A 133 -0.26 -30.33 -38.46
CA THR A 133 -0.76 -30.94 -39.71
C THR A 133 -0.80 -29.94 -40.87
N LYS A 134 -0.71 -28.64 -40.55
CA LYS A 134 -0.78 -27.55 -41.53
C LYS A 134 -2.14 -27.42 -42.25
N ASP A 135 -3.13 -28.18 -41.77
CA ASP A 135 -4.50 -28.10 -42.26
C ASP A 135 -5.11 -26.75 -41.94
N VAL A 136 -5.98 -26.26 -42.82
CA VAL A 136 -6.59 -24.94 -42.66
C VAL A 136 -8.07 -25.04 -42.28
N PHE A 137 -8.45 -24.31 -41.24
CA PHE A 137 -9.80 -24.36 -40.68
C PHE A 137 -10.45 -22.98 -40.66
N GLU A 138 -11.72 -22.93 -41.04
CA GLU A 138 -12.47 -21.68 -41.09
C GLU A 138 -13.39 -21.57 -39.89
N PHE A 139 -13.51 -20.34 -39.38
CA PHE A 139 -14.36 -20.08 -38.24
C PHE A 139 -15.09 -18.77 -38.48
N SER A 140 -16.40 -18.87 -38.68
CA SER A 140 -17.21 -17.68 -38.88
C SER A 140 -17.58 -17.08 -37.52
N TYR A 141 -17.56 -15.75 -37.45
CA TYR A 141 -17.89 -15.04 -36.23
C TYR A 141 -19.00 -14.01 -36.45
N ASP A 142 -19.73 -13.72 -35.37
CA ASP A 142 -20.55 -12.52 -35.28
C ASP A 142 -19.75 -11.41 -34.64
N ARG A 143 -18.99 -11.76 -33.60
CA ARG A 143 -18.04 -10.84 -33.00
C ARG A 143 -16.68 -11.49 -32.77
N LEU A 144 -15.63 -10.72 -33.03
CA LEU A 144 -14.26 -11.21 -32.95
C LEU A 144 -13.44 -10.43 -31.95
N LEU A 145 -12.67 -11.17 -31.15
CA LEU A 145 -11.69 -10.54 -30.27
C LEU A 145 -10.29 -10.99 -30.64
N ILE A 146 -9.41 -10.02 -30.86
CA ILE A 146 -7.99 -10.25 -31.06
C ILE A 146 -7.28 -10.03 -29.73
N ALA A 147 -6.66 -11.09 -29.22
CA ALA A 147 -5.98 -11.06 -27.93
C ALA A 147 -4.67 -11.84 -28.02
N THR A 148 -3.89 -11.54 -29.07
CA THR A 148 -2.71 -12.29 -29.48
C THR A 148 -1.42 -11.89 -28.74
N GLY A 149 -1.51 -10.88 -27.89
CA GLY A 149 -0.37 -10.43 -27.08
C GLY A 149 0.81 -9.91 -27.89
N VAL A 150 1.98 -9.96 -27.27
CA VAL A 150 3.25 -9.60 -27.91
C VAL A 150 4.19 -10.80 -27.93
N ARG A 151 5.19 -10.75 -28.80
CA ARG A 151 6.27 -11.73 -28.84
C ARG A 151 7.60 -11.01 -28.60
N PRO A 152 8.57 -11.72 -27.98
CA PRO A 152 9.89 -11.12 -27.80
C PRO A 152 10.63 -10.92 -29.12
N VAL A 153 11.40 -9.83 -29.19
CA VAL A 153 12.12 -9.45 -30.39
C VAL A 153 13.51 -10.08 -30.39
N MET A 154 13.85 -10.77 -31.47
CA MET A 154 15.21 -11.21 -31.71
C MET A 154 15.78 -10.46 -32.92
N PRO A 155 16.67 -9.49 -32.69
CA PRO A 155 17.36 -8.79 -33.79
C PRO A 155 18.11 -9.77 -34.70
N GLU A 156 18.41 -9.33 -35.92
CA GLU A 156 19.04 -10.21 -36.92
C GLU A 156 20.56 -10.29 -36.75
N TRP A 157 20.99 -10.70 -35.55
CA TRP A 157 22.41 -10.91 -35.28
C TRP A 157 22.87 -12.25 -35.84
N GLU A 158 24.09 -12.27 -36.36
CA GLU A 158 24.81 -13.51 -36.59
C GLU A 158 24.84 -14.30 -35.29
N GLY A 159 24.57 -15.60 -35.37
CA GLY A 159 24.52 -16.46 -34.18
C GLY A 159 23.17 -16.56 -33.49
N ARG A 160 22.19 -15.80 -33.97
CA ARG A 160 20.78 -15.87 -33.53
C ARG A 160 20.34 -17.25 -33.06
N ASP A 161 20.61 -18.24 -33.92
CA ASP A 161 20.03 -19.57 -33.84
C ASP A 161 20.93 -20.59 -33.14
N LEU A 162 22.02 -20.10 -32.53
CA LEU A 162 22.90 -20.97 -31.78
C LEU A 162 22.18 -21.54 -30.54
N GLN A 163 22.42 -22.82 -30.28
CA GLN A 163 21.94 -23.48 -29.07
C GLN A 163 22.43 -22.71 -27.83
N GLY A 164 21.51 -22.43 -26.90
CA GLY A 164 21.86 -21.70 -25.68
C GLY A 164 21.55 -20.21 -25.72
N VAL A 165 21.10 -19.74 -26.89
CA VAL A 165 20.61 -18.38 -27.06
C VAL A 165 19.09 -18.42 -26.92
N HIS A 166 18.56 -17.68 -25.95
CA HIS A 166 17.16 -17.82 -25.54
C HIS A 166 16.38 -16.52 -25.45
N LEU A 167 15.10 -16.60 -25.82
CA LEU A 167 14.10 -15.58 -25.51
C LEU A 167 13.23 -16.12 -24.38
N LEU A 168 12.57 -15.23 -23.65
CA LEU A 168 11.68 -15.67 -22.60
C LEU A 168 10.29 -15.07 -22.77
N LYS A 169 9.32 -15.92 -23.05
CA LYS A 169 7.93 -15.52 -23.13
C LYS A 169 6.99 -16.61 -22.63
N THR A 170 7.21 -17.84 -23.07
CA THR A 170 6.28 -18.94 -22.88
C THR A 170 6.83 -19.99 -21.91
N ILE A 171 5.99 -20.97 -21.56
CA ILE A 171 6.43 -22.10 -20.75
C ILE A 171 7.49 -22.95 -21.49
N PRO A 172 7.23 -23.32 -22.77
CA PRO A 172 8.30 -23.99 -23.53
C PRO A 172 9.61 -23.20 -23.59
N ASP A 173 9.56 -21.87 -23.66
CA ASP A 173 10.76 -21.02 -23.60
C ASP A 173 11.56 -21.25 -22.32
N ALA A 174 10.87 -21.29 -21.19
CA ALA A 174 11.50 -21.49 -19.88
C ALA A 174 12.07 -22.89 -19.76
N GLU A 175 11.38 -23.87 -20.34
CA GLU A 175 11.85 -25.27 -20.32
C GLU A 175 13.14 -25.40 -21.14
N ARG A 176 13.22 -24.68 -22.26
CA ARG A 176 14.42 -24.65 -23.07
C ARG A 176 15.61 -24.02 -22.34
N ILE A 177 15.32 -23.02 -21.51
CA ILE A 177 16.35 -22.41 -20.66
C ILE A 177 16.80 -23.42 -19.61
N LEU A 178 15.85 -24.11 -18.99
CA LEU A 178 16.15 -25.18 -18.03
C LEU A 178 16.90 -26.35 -18.68
N LYS A 179 16.60 -26.62 -19.95
CA LYS A 179 17.26 -27.68 -20.69
C LYS A 179 18.74 -27.35 -20.89
N THR A 180 19.02 -26.10 -21.22
CA THR A 180 20.40 -25.61 -21.37
C THR A 180 21.16 -25.70 -20.05
N LEU A 181 20.51 -25.32 -18.94
CA LEU A 181 21.13 -25.37 -17.62
C LEU A 181 21.38 -26.81 -17.17
N GLU A 182 20.49 -27.71 -17.59
CA GLU A 182 20.59 -29.13 -17.25
C GLU A 182 21.69 -29.85 -18.03
N THR A 183 21.74 -29.62 -19.34
CA THR A 183 22.63 -30.37 -20.23
C THR A 183 24.01 -29.74 -20.39
N ASN A 184 24.06 -28.41 -20.39
CA ASN A 184 25.30 -27.67 -20.59
C ASN A 184 25.97 -27.40 -19.25
N LYS A 185 27.27 -27.11 -19.28
CA LYS A 185 27.97 -26.63 -18.08
C LYS A 185 27.99 -25.10 -18.14
N VAL A 186 26.99 -24.48 -17.49
CA VAL A 186 26.81 -23.03 -17.56
C VAL A 186 27.49 -22.33 -16.40
N GLU A 187 28.45 -21.46 -16.72
CA GLU A 187 29.16 -20.67 -15.73
C GLU A 187 28.94 -19.16 -15.95
N ASP A 188 29.09 -18.74 -17.21
CA ASP A 188 28.98 -17.33 -17.59
C ASP A 188 27.68 -17.12 -18.35
N VAL A 189 26.87 -16.17 -17.88
CA VAL A 189 25.58 -15.84 -18.50
C VAL A 189 25.56 -14.37 -18.91
N THR A 190 25.13 -14.11 -20.14
CA THR A 190 25.03 -12.76 -20.66
C THR A 190 23.58 -12.43 -21.04
N ILE A 191 23.10 -11.32 -20.48
CA ILE A 191 21.77 -10.83 -20.73
C ILE A 191 21.85 -9.57 -21.57
N ILE A 192 21.16 -9.57 -22.70
CA ILE A 192 21.08 -8.40 -23.56
C ILE A 192 19.77 -7.68 -23.28
N GLY A 193 19.85 -6.42 -22.83
CA GLY A 193 18.69 -5.61 -22.52
C GLY A 193 18.44 -5.52 -21.02
N GLY A 194 18.44 -4.30 -20.50
CA GLY A 194 18.29 -4.05 -19.06
C GLY A 194 16.94 -3.49 -18.67
N GLY A 195 15.88 -4.05 -19.23
CA GLY A 195 14.52 -3.71 -18.86
C GLY A 195 13.96 -4.76 -17.92
N ALA A 196 12.65 -4.97 -17.99
CA ALA A 196 11.91 -5.81 -17.04
C ALA A 196 12.39 -7.27 -16.94
N ILE A 197 12.47 -7.96 -18.08
CA ILE A 197 12.91 -9.35 -18.12
C ILE A 197 14.41 -9.47 -17.79
N GLY A 198 15.23 -8.61 -18.40
CA GLY A 198 16.66 -8.54 -18.09
C GLY A 198 16.94 -8.47 -16.60
N LEU A 199 16.26 -7.54 -15.92
CA LEU A 199 16.43 -7.33 -14.48
C LEU A 199 16.06 -8.56 -13.65
N GLU A 200 14.87 -9.12 -13.92
CA GLU A 200 14.39 -10.29 -13.18
C GLU A 200 15.22 -11.53 -13.44
N MET A 201 15.65 -11.72 -14.69
CA MET A 201 16.49 -12.84 -15.05
C MET A 201 17.93 -12.71 -14.56
N ALA A 202 18.40 -11.47 -14.41
CA ALA A 202 19.70 -11.22 -13.79
C ALA A 202 19.70 -11.76 -12.37
N GLU A 203 18.59 -11.58 -11.66
CA GLU A 203 18.41 -12.13 -10.32
C GLU A 203 18.36 -13.66 -10.36
N THR A 204 17.52 -14.19 -11.24
CA THR A 204 17.37 -15.64 -11.41
C THR A 204 18.71 -16.35 -11.62
N PHE A 205 19.55 -15.79 -12.49
CA PHE A 205 20.83 -16.41 -12.81
C PHE A 205 21.87 -16.26 -11.68
N VAL A 206 21.82 -15.13 -10.97
CA VAL A 206 22.67 -14.94 -9.79
C VAL A 206 22.32 -15.96 -8.71
N GLU A 207 21.02 -16.14 -8.47
CA GLU A 207 20.53 -17.12 -7.51
C GLU A 207 20.92 -18.55 -7.88
N LEU A 208 21.05 -18.81 -9.18
CA LEU A 208 21.54 -20.10 -9.69
C LEU A 208 23.07 -20.20 -9.61
N GLY A 209 23.71 -19.15 -9.11
CA GLY A 209 25.15 -19.15 -8.86
C GLY A 209 26.03 -18.85 -10.06
N LYS A 210 25.45 -18.25 -11.10
CA LYS A 210 26.18 -17.97 -12.33
C LYS A 210 26.88 -16.61 -12.27
N LYS A 211 27.90 -16.45 -13.11
CA LYS A 211 28.53 -15.15 -13.34
C LYS A 211 27.72 -14.42 -14.42
N VAL A 212 27.12 -13.30 -14.03
CA VAL A 212 26.13 -12.61 -14.87
C VAL A 212 26.65 -11.29 -15.42
N ARG A 213 26.45 -11.11 -16.73
CA ARG A 213 26.75 -9.87 -17.45
C ARG A 213 25.47 -9.32 -18.06
N MET A 214 25.25 -8.02 -17.92
CA MET A 214 24.13 -7.36 -18.60
C MET A 214 24.65 -6.34 -19.61
N ILE A 215 24.12 -6.40 -20.83
CA ILE A 215 24.52 -5.47 -21.89
C ILE A 215 23.31 -4.65 -22.36
N GLU A 216 23.47 -3.33 -22.26
CA GLU A 216 22.42 -2.39 -22.59
C GLU A 216 23.00 -1.35 -23.55
N ARG A 217 22.22 -0.99 -24.57
CA ARG A 217 22.65 0.01 -25.55
C ARG A 217 22.40 1.44 -25.06
N ASN A 218 21.62 1.56 -23.98
CA ASN A 218 21.29 2.85 -23.37
C ASN A 218 22.29 3.22 -22.27
N ASP A 219 22.09 4.39 -21.68
CA ASP A 219 22.99 4.93 -20.66
C ASP A 219 23.01 4.15 -19.35
N HIS A 220 21.88 3.53 -19.01
CA HIS A 220 21.75 2.78 -17.75
C HIS A 220 20.71 1.66 -17.87
N ILE A 221 20.79 0.67 -16.98
CA ILE A 221 19.75 -0.35 -16.87
C ILE A 221 18.58 0.23 -16.07
N GLY A 222 17.39 -0.37 -16.22
CA GLY A 222 16.18 0.20 -15.64
C GLY A 222 15.86 1.50 -16.35
N THR A 223 15.75 1.41 -17.67
CA THR A 223 15.56 2.55 -18.57
C THR A 223 14.33 3.44 -18.28
N ILE A 224 13.24 2.84 -17.81
CA ILE A 224 12.04 3.59 -17.43
C ILE A 224 12.27 4.54 -16.24
N TYR A 225 13.29 4.25 -15.45
CA TYR A 225 13.61 5.09 -14.31
C TYR A 225 14.40 6.30 -14.75
N ASP A 226 14.22 7.40 -14.02
CA ASP A 226 14.97 8.61 -14.25
C ASP A 226 16.42 8.33 -13.88
N GLY A 227 17.34 9.07 -14.49
CA GLY A 227 18.77 8.90 -14.24
C GLY A 227 19.10 8.75 -12.76
N ASP A 228 18.54 9.64 -11.94
CA ASP A 228 18.83 9.66 -10.50
C ASP A 228 18.37 8.40 -9.74
N MET A 229 17.20 7.88 -10.09
CA MET A 229 16.69 6.68 -9.44
C MET A 229 17.41 5.41 -9.92
N ALA A 230 17.87 5.43 -11.17
CA ALA A 230 18.55 4.28 -11.79
C ALA A 230 19.89 3.96 -11.14
N GLU A 231 20.48 4.95 -10.48
CA GLU A 231 21.74 4.78 -9.76
C GLU A 231 21.60 3.75 -8.64
N TYR A 232 20.42 3.67 -8.03
CA TYR A 232 20.15 2.67 -6.99
C TYR A 232 20.10 1.25 -7.55
N ILE A 233 19.62 1.12 -8.79
CA ILE A 233 19.57 -0.17 -9.47
C ILE A 233 20.99 -0.66 -9.76
N TYR A 234 21.79 0.22 -10.36
CA TYR A 234 23.19 -0.05 -10.68
C TYR A 234 23.97 -0.48 -9.44
N LYS A 235 23.78 0.24 -8.33
CA LYS A 235 24.43 -0.07 -7.06
C LYS A 235 24.10 -1.46 -6.55
N GLU A 236 22.81 -1.83 -6.60
CA GLU A 236 22.35 -3.17 -6.20
C GLU A 236 22.94 -4.28 -7.07
N ALA A 237 23.01 -4.03 -8.38
CA ALA A 237 23.58 -4.99 -9.33
C ALA A 237 25.08 -5.16 -9.10
N ASP A 238 25.77 -4.05 -8.89
CA ASP A 238 27.21 -4.03 -8.60
C ASP A 238 27.51 -4.76 -7.30
N LYS A 239 26.66 -4.55 -6.30
CA LYS A 239 26.75 -5.21 -5.00
C LYS A 239 26.77 -6.74 -5.13
N HIS A 240 26.02 -7.26 -6.10
CA HIS A 240 25.91 -8.70 -6.32
C HIS A 240 26.81 -9.19 -7.45
N HIS A 241 27.72 -8.32 -7.88
CA HIS A 241 28.74 -8.64 -8.88
C HIS A 241 28.16 -8.96 -10.26
N ILE A 242 27.09 -8.26 -10.61
CA ILE A 242 26.58 -8.28 -11.98
C ILE A 242 27.37 -7.21 -12.72
N GLU A 243 28.02 -7.63 -13.79
CA GLU A 243 28.74 -6.72 -14.66
C GLU A 243 27.74 -6.01 -15.57
N ILE A 244 27.71 -4.68 -15.48
CA ILE A 244 26.85 -3.87 -16.35
C ILE A 244 27.68 -3.18 -17.43
N LEU A 245 27.33 -3.45 -18.68
CA LEU A 245 27.94 -2.77 -19.82
C LEU A 245 26.90 -1.88 -20.49
N THR A 246 27.23 -0.60 -20.58
CA THR A 246 26.28 0.42 -21.02
C THR A 246 26.76 1.10 -22.31
N ASN A 247 25.84 1.65 -23.09
CA ASN A 247 26.17 2.21 -24.40
C ASN A 247 27.03 1.24 -25.21
N GLU A 248 26.68 -0.04 -25.12
CA GLU A 248 27.40 -1.10 -25.82
C GLU A 248 26.45 -1.89 -26.70
N ASN A 249 26.85 -2.14 -27.95
CA ASN A 249 25.98 -2.71 -28.96
C ASN A 249 26.38 -4.10 -29.46
N VAL A 250 25.53 -5.09 -29.19
CA VAL A 250 25.75 -6.48 -29.61
C VAL A 250 25.86 -6.57 -31.12
N LYS A 251 26.87 -7.32 -31.56
CA LYS A 251 27.25 -7.44 -32.96
C LYS A 251 26.87 -8.82 -33.45
N ALA A 252 27.23 -9.84 -32.67
CA ALA A 252 27.02 -11.24 -33.04
C ALA A 252 27.13 -12.19 -31.86
N PHE A 253 26.68 -13.42 -32.05
CA PHE A 253 26.93 -14.51 -31.12
C PHE A 253 27.86 -15.50 -31.81
N LYS A 254 28.99 -15.76 -31.17
CA LYS A 254 30.00 -16.66 -31.71
C LYS A 254 29.93 -18.01 -31.03
N GLY A 255 30.22 -19.07 -31.79
CA GLY A 255 30.20 -20.42 -31.26
C GLY A 255 30.09 -21.51 -32.30
N ASN A 256 30.14 -22.76 -31.82
CA ASN A 256 30.10 -23.95 -32.66
C ASN A 256 28.67 -24.39 -33.00
N GLU A 257 28.21 -25.44 -32.33
CA GLU A 257 26.80 -25.83 -32.36
C GLU A 257 26.04 -24.96 -31.39
N ARG A 258 26.72 -24.54 -30.31
CA ARG A 258 26.12 -23.74 -29.26
C ARG A 258 26.85 -22.41 -29.02
N VAL A 259 26.16 -21.46 -28.34
CA VAL A 259 26.72 -20.14 -28.05
C VAL A 259 27.89 -20.22 -27.05
N GLU A 260 28.99 -19.53 -27.39
CA GLU A 260 30.20 -19.53 -26.56
C GLU A 260 30.60 -18.11 -26.16
N ALA A 261 30.30 -17.14 -27.04
CA ALA A 261 30.71 -15.77 -26.82
C ALA A 261 29.73 -14.77 -27.43
N VAL A 262 29.59 -13.62 -26.78
CA VAL A 262 28.85 -12.49 -27.31
C VAL A 262 29.83 -11.44 -27.81
N GLU A 263 29.73 -11.12 -29.09
CA GLU A 263 30.56 -10.09 -29.71
C GLU A 263 29.83 -8.75 -29.69
N THR A 264 30.52 -7.70 -29.25
CA THR A 264 29.96 -6.35 -29.27
C THR A 264 30.91 -5.42 -30.02
N ASP A 265 30.57 -4.13 -30.09
CA ASP A 265 31.45 -3.13 -30.70
C ASP A 265 32.65 -2.76 -29.81
N LYS A 266 32.64 -3.24 -28.56
CA LYS A 266 33.69 -2.91 -27.60
C LYS A 266 34.45 -4.13 -27.09
N GLY A 267 34.05 -5.33 -27.50
CA GLY A 267 34.77 -6.55 -27.15
C GLY A 267 34.01 -7.85 -27.34
N THR A 268 34.68 -8.96 -27.03
CA THR A 268 34.13 -10.31 -27.18
C THR A 268 34.17 -10.99 -25.81
N TYR A 269 33.00 -11.46 -25.34
CA TYR A 269 32.89 -11.99 -23.97
C TYR A 269 32.33 -13.41 -23.94
N LYS A 270 32.95 -14.25 -23.11
CA LYS A 270 32.52 -15.63 -22.91
C LYS A 270 31.10 -15.69 -22.33
N ALA A 271 30.24 -16.49 -22.96
CA ALA A 271 28.88 -16.70 -22.49
C ALA A 271 28.43 -18.12 -22.81
N ASP A 272 28.03 -18.85 -21.77
CA ASP A 272 27.59 -20.23 -21.91
C ASP A 272 26.09 -20.27 -22.18
N LEU A 273 25.41 -19.17 -21.82
CA LEU A 273 23.98 -18.99 -22.04
C LEU A 273 23.75 -17.51 -22.28
N VAL A 274 22.98 -17.20 -23.32
CA VAL A 274 22.62 -15.82 -23.63
C VAL A 274 21.11 -15.67 -23.57
N LEU A 275 20.64 -14.78 -22.72
CA LEU A 275 19.22 -14.41 -22.72
C LEU A 275 19.04 -13.09 -23.45
N VAL A 276 18.25 -13.11 -24.51
CA VAL A 276 17.95 -11.89 -25.27
C VAL A 276 16.63 -11.30 -24.78
N SER A 277 16.71 -10.06 -24.32
CA SER A 277 15.71 -9.46 -23.47
C SER A 277 15.54 -8.00 -23.89
N VAL A 278 15.32 -7.78 -25.17
CA VAL A 278 15.45 -6.44 -25.76
C VAL A 278 14.14 -5.76 -26.16
N GLY A 279 13.02 -6.32 -25.72
CA GLY A 279 11.72 -5.76 -26.05
C GLY A 279 10.81 -6.75 -26.72
N VAL A 280 9.61 -6.28 -27.04
CA VAL A 280 8.53 -7.10 -27.56
C VAL A 280 7.85 -6.42 -28.74
N LYS A 281 7.08 -7.20 -29.48
CA LYS A 281 6.37 -6.71 -30.66
C LYS A 281 4.97 -7.33 -30.68
N PRO A 282 3.92 -6.51 -30.94
CA PRO A 282 2.57 -7.06 -31.03
C PRO A 282 2.42 -8.14 -32.10
N ASN A 283 1.77 -9.25 -31.74
CA ASN A 283 1.46 -10.34 -32.67
C ASN A 283 0.28 -9.99 -33.58
N THR A 284 0.49 -9.03 -34.47
CA THR A 284 -0.61 -8.50 -35.29
C THR A 284 -0.31 -8.52 -36.79
N ASP A 285 0.81 -9.13 -37.17
CA ASP A 285 1.23 -9.18 -38.57
C ASP A 285 0.21 -9.86 -39.48
N PHE A 286 -0.51 -10.85 -38.95
CA PHE A 286 -1.51 -11.59 -39.71
C PHE A 286 -2.73 -10.74 -40.10
N LEU A 287 -2.77 -9.49 -39.64
CA LEU A 287 -3.88 -8.59 -39.94
C LEU A 287 -3.61 -7.66 -41.13
N GLU A 288 -2.38 -7.70 -41.64
CA GLU A 288 -2.06 -7.07 -42.92
C GLU A 288 -3.09 -7.52 -43.96
N GLY A 289 -3.77 -6.56 -44.57
CA GLY A 289 -4.84 -6.89 -45.52
C GLY A 289 -6.23 -6.49 -45.04
N THR A 290 -6.39 -6.42 -43.72
CA THR A 290 -7.61 -5.88 -43.12
C THR A 290 -7.47 -4.36 -43.03
N ASN A 291 -8.58 -3.69 -42.77
CA ASN A 291 -8.58 -2.24 -42.56
C ASN A 291 -8.39 -1.88 -41.07
N ILE A 292 -7.94 -2.84 -40.26
CA ILE A 292 -7.81 -2.65 -38.81
C ILE A 292 -6.63 -1.74 -38.46
N ARG A 293 -6.93 -0.59 -37.87
CA ARG A 293 -5.91 0.41 -37.57
C ARG A 293 -5.00 -0.03 -36.43
N THR A 294 -3.71 0.17 -36.63
CA THR A 294 -2.69 -0.09 -35.62
C THR A 294 -1.82 1.16 -35.45
N ASN A 295 -1.16 1.28 -34.30
CA ASN A 295 -0.19 2.35 -34.10
C ASN A 295 1.12 2.01 -34.82
N HIS A 296 2.17 2.78 -34.60
CA HIS A 296 3.42 2.55 -35.34
C HIS A 296 4.13 1.23 -34.99
N LYS A 297 4.04 0.80 -33.74
CA LYS A 297 4.61 -0.51 -33.36
C LYS A 297 3.73 -1.72 -33.70
N GLY A 298 2.57 -1.47 -34.32
CA GLY A 298 1.66 -2.56 -34.70
C GLY A 298 0.61 -2.92 -33.66
N ALA A 299 0.48 -2.11 -32.63
CA ALA A 299 -0.57 -2.32 -31.63
C ALA A 299 -1.92 -1.88 -32.18
N ILE A 300 -2.94 -2.70 -31.97
CA ILE A 300 -4.29 -2.43 -32.50
C ILE A 300 -4.99 -1.33 -31.69
N GLU A 301 -5.40 -0.27 -32.38
CA GLU A 301 -6.11 0.85 -31.76
CA GLU A 301 -6.10 0.83 -31.74
C GLU A 301 -7.50 0.42 -31.30
N VAL A 302 -7.85 0.78 -30.07
CA VAL A 302 -9.18 0.52 -29.54
C VAL A 302 -9.78 1.78 -28.90
N ASN A 303 -11.09 1.93 -29.02
CA ASN A 303 -11.80 2.99 -28.32
C ASN A 303 -12.07 2.57 -26.86
N ALA A 304 -12.82 3.39 -26.13
CA ALA A 304 -13.12 3.14 -24.73
C ALA A 304 -13.71 1.74 -24.49
N TYR A 305 -14.34 1.20 -25.53
CA TYR A 305 -15.12 -0.04 -25.43
C TYR A 305 -14.43 -1.25 -26.05
N MET A 306 -13.12 -1.13 -26.26
CA MET A 306 -12.27 -2.21 -26.78
C MET A 306 -12.56 -2.52 -28.25
N GLN A 307 -13.28 -1.61 -28.92
CA GLN A 307 -13.63 -1.77 -30.34
C GLN A 307 -12.56 -1.19 -31.26
N THR A 308 -12.24 -1.91 -32.33
CA THR A 308 -11.35 -1.41 -33.38
C THR A 308 -12.19 -0.51 -34.28
N ASN A 309 -11.58 0.00 -35.34
CA ASN A 309 -12.34 0.76 -36.34
C ASN A 309 -13.18 -0.14 -37.24
N VAL A 310 -12.97 -1.45 -37.16
CA VAL A 310 -13.72 -2.36 -38.02
C VAL A 310 -14.88 -2.97 -37.24
N GLN A 311 -16.08 -2.83 -37.80
CA GLN A 311 -17.30 -3.28 -37.14
C GLN A 311 -17.20 -4.73 -36.61
N ASP A 312 -17.57 -4.90 -35.34
CA ASP A 312 -17.67 -6.21 -34.67
C ASP A 312 -16.33 -6.91 -34.43
N VAL A 313 -15.24 -6.16 -34.58
CA VAL A 313 -13.91 -6.63 -34.24
C VAL A 313 -13.40 -5.83 -33.06
N TYR A 314 -12.93 -6.55 -32.04
CA TYR A 314 -12.42 -6.01 -30.78
C TYR A 314 -10.97 -6.41 -30.62
N ALA A 315 -10.24 -5.74 -29.74
CA ALA A 315 -8.89 -6.14 -29.36
C ALA A 315 -8.67 -5.83 -27.89
N ALA A 316 -7.79 -6.58 -27.24
CA ALA A 316 -7.54 -6.43 -25.81
C ALA A 316 -6.18 -7.00 -25.44
N GLY A 317 -5.54 -6.43 -24.43
CA GLY A 317 -4.28 -6.94 -23.91
C GLY A 317 -3.07 -6.33 -24.58
N ASP A 318 -1.96 -7.08 -24.57
CA ASP A 318 -0.68 -6.60 -25.08
C ASP A 318 -0.66 -6.28 -26.58
N CYS A 319 -1.60 -6.85 -27.35
CA CYS A 319 -1.68 -6.55 -28.80
C CYS A 319 -2.45 -5.26 -29.14
N ALA A 320 -3.06 -4.65 -28.13
CA ALA A 320 -3.90 -3.46 -28.31
C ALA A 320 -3.22 -2.23 -27.71
N THR A 321 -3.75 -1.04 -28.03
CA THR A 321 -3.27 0.18 -27.39
C THR A 321 -3.97 0.38 -26.05
N HIS A 322 -3.34 1.18 -25.20
CA HIS A 322 -3.76 1.37 -23.82
C HIS A 322 -3.84 2.86 -23.55
N TYR A 323 -5.07 3.37 -23.45
CA TYR A 323 -5.32 4.76 -23.09
C TYR A 323 -4.62 5.07 -21.78
N HIS A 324 -3.85 6.14 -21.75
CA HIS A 324 -3.10 6.52 -20.56
C HIS A 324 -3.85 7.62 -19.80
N VAL A 325 -4.18 7.33 -18.55
CA VAL A 325 -4.89 8.28 -17.69
C VAL A 325 -4.22 9.67 -17.64
N ILE A 326 -2.89 9.69 -17.53
CA ILE A 326 -2.14 10.94 -17.39
C ILE A 326 -1.75 11.58 -18.72
N LYS A 327 -1.31 10.75 -19.67
CA LYS A 327 -0.94 11.27 -21.01
C LYS A 327 -2.17 11.73 -21.80
N GLU A 328 -3.34 11.13 -21.51
CA GLU A 328 -4.61 11.40 -22.20
C GLU A 328 -4.52 11.03 -23.67
N ILE A 329 -3.77 9.97 -23.92
CA ILE A 329 -3.42 9.54 -25.25
C ILE A 329 -3.34 8.02 -25.22
N HIS A 330 -3.52 7.37 -26.37
CA HIS A 330 -3.33 5.92 -26.41
C HIS A 330 -1.85 5.58 -26.48
N ASP A 331 -1.38 4.85 -25.47
CA ASP A 331 0.00 4.43 -25.34
C ASP A 331 0.06 2.92 -25.62
N HIS A 332 1.24 2.34 -25.44
CA HIS A 332 1.38 0.90 -25.46
C HIS A 332 2.27 0.45 -24.31
N ILE A 333 1.63 -0.07 -23.25
CA ILE A 333 2.32 -0.49 -22.05
C ILE A 333 1.85 -1.91 -21.74
N PRO A 334 2.39 -2.90 -22.46
CA PRO A 334 1.89 -4.27 -22.33
C PRO A 334 2.20 -4.80 -20.93
N ILE A 335 1.17 -5.19 -20.19
CA ILE A 335 1.33 -5.71 -18.83
C ILE A 335 0.12 -6.58 -18.47
N GLY A 336 0.32 -7.54 -17.56
CA GLY A 336 -0.70 -8.53 -17.20
C GLY A 336 -1.94 -8.00 -16.52
N THR A 337 -1.77 -7.01 -15.65
CA THR A 337 -2.92 -6.34 -14.99
C THR A 337 -3.83 -5.69 -16.05
N THR A 338 -3.24 -4.88 -16.92
CA THR A 338 -3.98 -4.23 -18.00
C THR A 338 -4.62 -5.25 -18.95
N ALA A 339 -3.92 -6.35 -19.25
CA ALA A 339 -4.42 -7.39 -20.14
C ALA A 339 -5.70 -8.04 -19.62
N ASN A 340 -5.69 -8.40 -18.34
CA ASN A 340 -6.87 -8.94 -17.68
C ASN A 340 -8.04 -7.94 -17.63
N LYS A 341 -7.74 -6.70 -17.24
CA LYS A 341 -8.73 -5.64 -17.21
C LYS A 341 -9.32 -5.40 -18.60
N GLN A 342 -8.47 -5.23 -19.60
CA GLN A 342 -8.96 -5.05 -20.98
C GLN A 342 -9.72 -6.25 -21.53
N GLY A 343 -9.25 -7.46 -21.21
CA GLY A 343 -9.91 -8.69 -21.64
C GLY A 343 -11.32 -8.80 -21.07
N ARG A 344 -11.42 -8.64 -19.75
CA ARG A 344 -12.71 -8.66 -19.08
C ARG A 344 -13.68 -7.66 -19.73
N LEU A 345 -13.19 -6.44 -19.94
CA LEU A 345 -13.97 -5.37 -20.56
C LEU A 345 -14.38 -5.67 -22.02
N ALA A 346 -13.47 -6.22 -22.81
CA ALA A 346 -13.79 -6.61 -24.19
C ALA A 346 -14.96 -7.60 -24.20
N GLY A 347 -14.89 -8.60 -23.33
CA GLY A 347 -15.94 -9.60 -23.20
C GLY A 347 -17.26 -8.94 -22.86
N LEU A 348 -17.24 -8.07 -21.85
CA LEU A 348 -18.44 -7.33 -21.44
C LEU A 348 -19.03 -6.52 -22.59
N ASN A 349 -18.17 -5.77 -23.27
CA ASN A 349 -18.59 -4.94 -24.40
C ASN A 349 -19.07 -5.72 -25.61
N MET A 350 -18.51 -6.91 -25.82
CA MET A 350 -18.95 -7.79 -26.90
C MET A 350 -20.36 -8.29 -26.66
N LEU A 351 -20.78 -8.31 -25.40
CA LEU A 351 -22.14 -8.65 -25.00
C LEU A 351 -23.07 -7.44 -25.01
N ASP A 352 -22.53 -6.27 -25.34
CA ASP A 352 -23.27 -4.99 -25.26
C ASP A 352 -23.63 -4.61 -23.83
N LYS A 353 -22.82 -5.07 -22.88
CA LYS A 353 -22.86 -4.57 -21.51
C LYS A 353 -21.83 -3.45 -21.46
N ARG A 354 -22.26 -2.29 -21.93
CA ARG A 354 -21.38 -1.18 -22.25
C ARG A 354 -20.63 -0.67 -21.02
N ARG A 355 -19.30 -0.69 -21.09
CA ARG A 355 -18.46 -0.20 -19.99
C ARG A 355 -17.11 0.25 -20.51
N ALA A 356 -16.73 1.48 -20.18
CA ALA A 356 -15.49 2.07 -20.68
C ALA A 356 -14.27 1.59 -19.90
N PHE A 357 -13.17 1.40 -20.63
CA PHE A 357 -11.85 1.18 -20.03
C PHE A 357 -11.32 2.54 -19.58
N LYS A 358 -10.93 2.63 -18.31
CA LYS A 358 -10.53 3.92 -17.71
C LYS A 358 -9.08 4.28 -18.01
N GLY A 359 -8.26 3.29 -18.33
CA GLY A 359 -6.90 3.54 -18.78
C GLY A 359 -5.83 2.85 -17.95
N THR A 360 -4.59 2.98 -18.42
CA THR A 360 -3.43 2.52 -17.69
C THR A 360 -2.76 3.70 -16.99
N LEU A 361 -2.00 3.42 -15.92
CA LEU A 361 -1.16 4.44 -15.29
C LEU A 361 0.31 4.17 -15.60
N GLY A 362 0.58 3.11 -16.35
CA GLY A 362 1.96 2.69 -16.60
C GLY A 362 2.61 2.18 -15.34
N THR A 363 1.79 1.68 -14.42
CA THR A 363 2.31 1.09 -13.20
C THR A 363 3.16 -0.14 -13.52
N GLY A 364 4.32 -0.24 -12.85
CA GLY A 364 5.19 -1.39 -12.96
C GLY A 364 5.97 -1.59 -11.67
N ILE A 365 6.16 -2.86 -11.30
CA ILE A 365 6.93 -3.20 -10.12
C ILE A 365 7.79 -4.42 -10.39
N ILE A 366 9.05 -4.36 -9.97
CA ILE A 366 10.02 -5.43 -10.18
C ILE A 366 10.75 -5.75 -8.88
N LYS A 367 10.94 -7.04 -8.63
CA LYS A 367 11.87 -7.48 -7.58
C LYS A 367 13.25 -7.62 -8.22
N PHE A 368 14.23 -6.92 -7.65
CA PHE A 368 15.60 -6.98 -8.16
C PHE A 368 16.61 -7.17 -7.04
N MET A 369 16.97 -8.44 -6.82
CA MET A 369 17.82 -8.85 -5.70
C MET A 369 17.15 -8.44 -4.39
N ASN A 370 17.82 -7.58 -3.62
CA ASN A 370 17.28 -7.11 -2.34
C ASN A 370 16.44 -5.84 -2.47
N LEU A 371 16.28 -5.36 -3.70
CA LEU A 371 15.50 -4.15 -3.95
C LEU A 371 14.17 -4.45 -4.60
N THR A 372 13.19 -3.61 -4.27
CA THR A 372 11.94 -3.53 -4.99
C THR A 372 11.96 -2.23 -5.79
N LEU A 373 11.71 -2.33 -7.09
CA LEU A 373 11.70 -1.17 -7.96
C LEU A 373 10.27 -0.93 -8.46
N ALA A 374 9.73 0.25 -8.18
CA ALA A 374 8.36 0.54 -8.60
C ALA A 374 8.23 1.92 -9.24
N ARG A 375 7.33 2.02 -10.21
CA ARG A 375 7.05 3.26 -10.91
C ARG A 375 5.59 3.32 -11.36
N THR A 376 5.07 4.54 -11.52
CA THR A 376 3.72 4.75 -12.03
C THR A 376 3.63 6.16 -12.58
N GLY A 377 2.69 6.38 -13.48
CA GLY A 377 2.52 7.67 -14.15
C GLY A 377 3.69 8.05 -15.05
N LEU A 378 3.99 9.33 -15.11
CA LEU A 378 5.07 9.85 -15.94
C LEU A 378 6.41 9.86 -15.21
N ASN A 379 7.45 9.51 -15.95
CA ASN A 379 8.81 9.84 -15.55
C ASN A 379 9.15 11.16 -16.25
N GLU A 380 10.36 11.66 -16.02
CA GLU A 380 10.78 12.96 -16.55
C GLU A 380 10.86 12.99 -18.07
N LYS A 381 11.35 11.91 -18.67
CA LYS A 381 11.42 11.83 -20.12
C LYS A 381 10.03 11.91 -20.77
N GLU A 382 9.05 11.24 -20.13
CA GLU A 382 7.66 11.27 -20.61
C GLU A 382 7.03 12.65 -20.49
N ALA A 383 7.19 13.28 -19.32
CA ALA A 383 6.68 14.63 -19.09
C ALA A 383 7.29 15.64 -20.07
N LYS A 384 8.61 15.59 -20.24
CA LYS A 384 9.33 16.42 -21.21
C LYS A 384 8.78 16.21 -22.63
N GLY A 385 8.67 14.95 -23.04
CA GLY A 385 8.18 14.63 -24.38
C GLY A 385 6.77 15.11 -24.64
N LEU A 386 5.98 15.23 -23.58
CA LEU A 386 4.60 15.74 -23.68
C LEU A 386 4.47 17.26 -23.56
N HIS A 387 5.56 17.92 -23.20
CA HIS A 387 5.58 19.37 -22.94
C HIS A 387 4.62 19.80 -21.83
N ILE A 388 4.48 18.93 -20.84
CA ILE A 388 3.76 19.23 -19.61
C ILE A 388 4.74 19.90 -18.62
N PRO A 389 4.42 21.13 -18.16
CA PRO A 389 5.30 21.77 -17.17
C PRO A 389 5.19 21.07 -15.83
N TYR A 390 6.34 20.60 -15.32
CA TYR A 390 6.36 19.75 -14.14
C TYR A 390 7.53 20.12 -13.25
N LYS A 391 7.41 19.74 -11.98
CA LYS A 391 8.51 19.81 -11.02
C LYS A 391 8.64 18.46 -10.35
N THR A 392 9.76 18.25 -9.65
CA THR A 392 10.00 16.99 -8.95
C THR A 392 10.31 17.25 -7.47
N VAL A 393 10.02 16.24 -6.64
CA VAL A 393 10.49 16.20 -5.26
C VAL A 393 11.04 14.81 -5.01
N LYS A 394 12.21 14.73 -4.38
CA LYS A 394 12.80 13.45 -4.04
C LYS A 394 13.11 13.39 -2.56
N VAL A 395 12.73 12.29 -1.92
CA VAL A 395 12.97 12.10 -0.49
C VAL A 395 13.77 10.83 -0.23
N ASP A 396 14.84 10.97 0.56
CA ASP A 396 15.54 9.83 1.11
C ASP A 396 15.02 9.63 2.52
N SER A 397 14.24 8.56 2.70
CA SER A 397 13.43 8.37 3.89
C SER A 397 13.60 6.94 4.41
N THR A 398 12.74 6.53 5.34
CA THR A 398 12.70 5.14 5.77
C THR A 398 11.31 4.56 5.48
N ASN A 399 11.21 3.24 5.41
CA ASN A 399 9.92 2.58 5.19
C ASN A 399 9.00 2.65 6.42
N MET A 400 9.61 2.79 7.60
CA MET A 400 8.86 2.86 8.84
C MET A 400 9.57 3.76 9.86
N ALA A 401 8.95 3.90 11.05
CA ALA A 401 9.49 4.73 12.12
C ALA A 401 11.01 4.56 12.25
N GLY A 402 11.75 5.66 12.13
CA GLY A 402 13.21 5.64 12.15
C GLY A 402 13.83 4.96 13.35
N TYR A 403 13.13 5.01 14.49
CA TYR A 403 13.62 4.40 15.72
C TYR A 403 13.30 2.89 15.83
N TYR A 404 12.41 2.38 14.97
CA TYR A 404 12.00 0.98 15.03
C TYR A 404 13.07 0.06 14.41
N PRO A 405 13.31 -1.12 15.03
CA PRO A 405 14.33 -2.06 14.55
C PRO A 405 14.16 -2.47 13.09
N ASN A 406 15.28 -2.53 12.37
CA ASN A 406 15.30 -2.90 10.95
C ASN A 406 14.43 -2.02 10.03
N ALA A 407 14.24 -0.77 10.42
CA ALA A 407 13.73 0.25 9.51
C ALA A 407 14.76 0.41 8.39
N LYS A 408 14.29 0.37 7.15
CA LYS A 408 15.15 0.35 5.98
C LYS A 408 15.00 1.62 5.14
N PRO A 409 16.07 2.03 4.44
CA PRO A 409 15.98 3.20 3.56
C PRO A 409 14.88 3.07 2.51
N LEU A 410 14.24 4.18 2.19
CA LEU A 410 13.24 4.23 1.14
C LEU A 410 13.43 5.49 0.32
N TYR A 411 13.63 5.30 -0.97
CA TYR A 411 13.89 6.40 -1.88
C TYR A 411 12.65 6.61 -2.75
N LEU A 412 12.11 7.82 -2.68
CA LEU A 412 10.82 8.12 -3.27
C LEU A 412 10.89 9.42 -4.04
N LYS A 413 10.36 9.43 -5.26
CA LYS A 413 10.39 10.62 -6.10
C LYS A 413 9.01 10.85 -6.70
N LEU A 414 8.56 12.09 -6.69
CA LEU A 414 7.27 12.45 -7.27
C LEU A 414 7.43 13.53 -8.32
N LEU A 415 6.60 13.45 -9.36
CA LEU A 415 6.50 14.48 -10.38
C LEU A 415 5.11 15.07 -10.26
N TYR A 416 5.01 16.39 -10.42
CA TYR A 416 3.74 17.09 -10.30
C TYR A 416 3.76 18.32 -11.21
N ARG A 417 2.57 18.70 -11.71
CA ARG A 417 2.44 19.87 -12.56
C ARG A 417 2.82 21.14 -11.81
N SER A 418 3.67 21.97 -12.41
CA SER A 418 4.08 23.20 -11.75
C SER A 418 2.95 24.23 -11.62
N ASP A 419 1.94 24.15 -12.48
CA ASP A 419 0.82 25.10 -12.41
C ASP A 419 -0.30 24.64 -11.46
N THR A 420 -0.92 23.52 -11.77
CA THR A 420 -2.06 23.01 -10.99
C THR A 420 -1.66 22.11 -9.81
N LYS A 421 -0.39 21.68 -9.77
CA LYS A 421 0.11 20.76 -8.74
C LYS A 421 -0.44 19.35 -8.87
N GLN A 422 -1.12 19.05 -9.98
CA GLN A 422 -1.62 17.71 -10.25
C GLN A 422 -0.45 16.74 -10.16
N LEU A 423 -0.65 15.65 -9.41
CA LEU A 423 0.35 14.59 -9.35
C LEU A 423 0.46 13.92 -10.73
N LEU A 424 1.70 13.70 -11.18
CA LEU A 424 1.93 13.14 -12.52
C LEU A 424 2.53 11.73 -12.56
N GLY A 425 3.34 11.41 -11.56
CA GLY A 425 4.06 10.15 -11.55
C GLY A 425 4.88 9.98 -10.29
N GLY A 426 5.33 8.76 -10.06
CA GLY A 426 6.16 8.44 -8.90
C GLY A 426 7.12 7.32 -9.21
N GLN A 427 8.23 7.31 -8.48
CA GLN A 427 9.19 6.23 -8.54
C GLN A 427 9.62 5.92 -7.11
N VAL A 428 9.51 4.65 -6.73
CA VAL A 428 9.88 4.23 -5.39
C VAL A 428 10.85 3.05 -5.46
N ILE A 429 11.93 3.13 -4.69
CA ILE A 429 12.98 2.11 -4.66
C ILE A 429 13.41 1.87 -3.21
N GLY A 430 13.50 0.61 -2.83
CA GLY A 430 13.85 0.23 -1.47
C GLY A 430 13.69 -1.26 -1.23
N GLU A 431 14.07 -1.70 -0.03
CA GLU A 431 14.01 -3.11 0.35
C GLU A 431 12.60 -3.54 0.74
N GLU A 432 11.87 -2.65 1.42
CA GLU A 432 10.54 -2.95 1.93
C GLU A 432 9.58 -1.78 1.83
N GLY A 433 8.29 -2.07 1.71
CA GLY A 433 7.26 -1.05 1.72
C GLY A 433 7.18 -0.22 0.45
N VAL A 434 7.79 -0.73 -0.62
CA VAL A 434 7.77 -0.06 -1.92
C VAL A 434 6.42 -0.26 -2.65
N ASP A 435 5.90 -1.49 -2.64
CA ASP A 435 4.60 -1.78 -3.28
C ASP A 435 3.45 -0.97 -2.68
N LYS A 436 3.46 -0.80 -1.36
CA LYS A 436 2.47 0.03 -0.67
C LYS A 436 2.47 1.46 -1.20
N ARG A 437 3.66 2.04 -1.32
CA ARG A 437 3.79 3.45 -1.71
C ARG A 437 3.39 3.66 -3.16
N ILE A 438 3.77 2.74 -4.03
CA ILE A 438 3.42 2.87 -5.43
C ILE A 438 1.92 2.65 -5.65
N ASP A 439 1.31 1.75 -4.89
CA ASP A 439 -0.15 1.58 -4.95
C ASP A 439 -0.89 2.85 -4.49
N VAL A 440 -0.40 3.49 -3.44
CA VAL A 440 -1.00 4.74 -2.97
C VAL A 440 -0.84 5.84 -4.02
N ILE A 441 0.34 5.94 -4.62
CA ILE A 441 0.58 6.91 -5.69
C ILE A 441 -0.35 6.63 -6.88
N ALA A 442 -0.54 5.35 -7.21
CA ALA A 442 -1.41 4.95 -8.31
C ALA A 442 -2.85 5.36 -8.06
N MET A 443 -3.31 5.16 -6.83
CA MET A 443 -4.63 5.64 -6.42
C MET A 443 -4.75 7.16 -6.54
N ALA A 444 -3.69 7.90 -6.19
CA ALA A 444 -3.71 9.35 -6.28
C ALA A 444 -3.77 9.85 -7.72
N LEU A 445 -2.95 9.25 -8.59
CA LEU A 445 -2.99 9.54 -10.03
C LEU A 445 -4.36 9.21 -10.64
N PHE A 446 -4.92 8.06 -10.29
CA PHE A 446 -6.22 7.64 -10.82
C PHE A 446 -7.32 8.68 -10.50
N ASN A 447 -7.25 9.26 -9.29
CA ASN A 447 -8.22 10.26 -8.85
C ASN A 447 -7.78 11.69 -9.17
N LYS A 448 -6.76 11.83 -10.01
CA LYS A 448 -6.22 13.15 -10.40
C LYS A 448 -5.97 14.08 -9.21
N MET A 449 -5.42 13.54 -8.14
CA MET A 449 -5.20 14.33 -6.94
C MET A 449 -4.08 15.34 -7.16
N SER A 450 -4.21 16.49 -6.52
CA SER A 450 -3.10 17.42 -6.37
C SER A 450 -2.08 16.85 -5.41
N ILE A 451 -0.79 17.14 -5.63
CA ILE A 451 0.26 16.62 -4.75
C ILE A 451 0.04 16.97 -3.27
N HIS A 452 -0.46 18.16 -2.99
CA HIS A 452 -0.71 18.56 -1.61
C HIS A 452 -1.92 17.88 -0.94
N ASP A 453 -2.87 17.38 -1.72
CA ASP A 453 -4.01 16.63 -1.19
C ASP A 453 -3.55 15.36 -0.46
N LEU A 454 -2.43 14.79 -0.89
CA LEU A 454 -1.83 13.62 -0.24
C LEU A 454 -1.62 13.83 1.26
N GLU A 455 -1.26 15.05 1.64
CA GLU A 455 -1.03 15.45 3.03
C GLU A 455 -2.24 15.24 3.93
N ASP A 456 -3.43 15.25 3.33
CA ASP A 456 -4.70 15.20 4.05
C ASP A 456 -5.29 13.79 4.20
N VAL A 457 -4.71 12.81 3.52
CA VAL A 457 -5.24 11.44 3.54
C VAL A 457 -4.85 10.73 4.84
N ASP A 458 -5.84 10.09 5.47
CA ASP A 458 -5.67 9.35 6.72
C ASP A 458 -5.12 7.97 6.40
N LEU A 459 -3.84 7.94 6.02
CA LEU A 459 -3.13 6.69 5.79
C LEU A 459 -2.80 6.07 7.15
N SER A 460 -2.50 4.78 7.16
CA SER A 460 -2.26 4.08 8.41
C SER A 460 -0.86 4.32 8.95
N TYR A 461 -0.77 4.42 10.29
CA TYR A 461 0.51 4.44 10.98
C TYR A 461 0.53 3.60 12.26
N ALA A 462 1.45 2.65 12.27
CA ALA A 462 2.01 2.08 13.50
C ALA A 462 3.50 1.90 13.24
N PRO A 463 4.34 1.92 14.29
CA PRO A 463 5.81 1.87 14.12
C PRO A 463 6.35 0.77 13.17
N PRO A 464 5.79 -0.46 13.21
CA PRO A 464 6.30 -1.49 12.28
C PRO A 464 5.93 -1.32 10.80
N TYR A 465 5.10 -0.33 10.45
CA TYR A 465 4.60 -0.23 9.08
C TYR A 465 4.93 1.08 8.37
N ASN A 466 4.95 2.17 9.12
CA ASN A 466 5.11 3.49 8.53
C ASN A 466 5.72 4.44 9.54
N SER A 467 5.88 5.70 9.12
CA SER A 467 6.12 6.81 10.03
C SER A 467 4.82 7.60 10.17
N VAL A 468 4.74 8.47 11.17
CA VAL A 468 3.52 9.23 11.44
C VAL A 468 3.07 10.10 10.26
N TRP A 469 4.03 10.60 9.49
CA TRP A 469 3.78 11.10 8.14
C TRP A 469 4.42 10.06 7.20
N ASP A 470 3.65 9.54 6.26
CA ASP A 470 4.17 8.61 5.25
C ASP A 470 5.21 9.35 4.39
N PRO A 471 6.24 8.65 3.91
CA PRO A 471 7.21 9.22 2.96
C PRO A 471 6.58 10.01 1.80
N ILE A 472 5.45 9.53 1.29
CA ILE A 472 4.73 10.20 0.20
C ILE A 472 4.26 11.57 0.67
N GLN A 473 3.80 11.64 1.92
CA GLN A 473 3.30 12.87 2.48
C GLN A 473 4.45 13.84 2.78
N GLN A 474 5.57 13.30 3.25
CA GLN A 474 6.73 14.14 3.48
CA GLN A 474 6.81 14.07 3.47
C GLN A 474 7.25 14.72 2.16
N ALA A 475 7.21 13.94 1.08
CA ALA A 475 7.57 14.45 -0.23
C ALA A 475 6.59 15.54 -0.70
N ALA A 476 5.29 15.29 -0.52
CA ALA A 476 4.26 16.25 -0.89
C ALA A 476 4.45 17.59 -0.19
N ARG A 477 4.79 17.55 1.09
CA ARG A 477 5.05 18.76 1.87
C ARG A 477 6.20 19.58 1.30
N ARG A 478 7.17 18.92 0.69
CA ARG A 478 8.35 19.59 0.11
C ARG A 478 8.02 20.31 -1.20
N ALA A 479 6.95 19.86 -1.86
CA ALA A 479 6.55 20.39 -3.15
C ALA A 479 6.16 21.87 -3.06
N GLU A 480 6.29 22.57 -4.19
CA GLU A 480 5.98 23.99 -4.24
C GLU A 480 4.48 24.27 -4.28
N MET B 37 1.28 38.52 17.17
CA MET B 37 2.60 38.39 17.85
C MET B 37 2.62 37.36 18.99
N ASN B 38 1.65 37.39 19.92
CA ASN B 38 1.64 36.43 21.04
C ASN B 38 0.81 35.15 20.84
N TYR B 39 1.49 34.06 20.55
CA TYR B 39 0.86 32.76 20.43
C TYR B 39 1.17 31.93 21.67
N VAL B 40 0.13 31.34 22.25
CA VAL B 40 0.29 30.42 23.37
C VAL B 40 -0.27 29.04 23.00
N ILE B 41 0.50 28.01 23.31
CA ILE B 41 0.10 26.64 23.01
C ILE B 41 0.16 25.82 24.30
N ILE B 42 -0.94 25.13 24.60
CA ILE B 42 -1.00 24.25 25.75
C ILE B 42 -0.83 22.80 25.30
N GLY B 43 0.26 22.18 25.75
CA GLY B 43 0.59 20.81 25.38
C GLY B 43 1.78 20.81 24.44
N GLY B 44 2.81 20.06 24.80
CA GLY B 44 4.07 20.10 24.08
C GLY B 44 4.40 18.83 23.34
N ASP B 45 3.39 18.19 22.74
CA ASP B 45 3.63 16.98 21.99
C ASP B 45 3.24 17.13 20.51
N ALA B 46 2.57 16.11 19.97
CA ALA B 46 2.36 16.00 18.52
C ALA B 46 1.59 17.18 17.92
N ALA B 47 0.42 17.48 18.49
CA ALA B 47 -0.41 18.53 17.93
C ALA B 47 0.13 19.92 18.26
N GLY B 48 0.58 20.10 19.50
CA GLY B 48 1.09 21.38 19.96
C GLY B 48 2.33 21.86 19.23
N MET B 49 3.30 20.96 19.08
CA MET B 49 4.57 21.31 18.46
C MET B 49 4.53 21.33 16.93
N SER B 50 3.61 20.57 16.33
CA SER B 50 3.36 20.70 14.89
C SER B 50 2.85 22.11 14.59
N ALA B 51 1.97 22.61 15.46
CA ALA B 51 1.48 23.98 15.36
C ALA B 51 2.60 24.99 15.54
N ALA B 52 3.38 24.82 16.60
CA ALA B 52 4.53 25.69 16.90
C ALA B 52 5.52 25.81 15.74
N MET B 53 5.81 24.69 15.10
CA MET B 53 6.75 24.69 13.97
C MET B 53 6.22 25.51 12.79
N GLN B 54 4.92 25.38 12.51
CA GLN B 54 4.26 26.20 11.48
C GLN B 54 4.37 27.70 11.75
N ILE B 55 4.06 28.11 12.98
CA ILE B 55 4.08 29.54 13.35
C ILE B 55 5.49 30.13 13.26
N VAL B 56 6.46 29.39 13.77
CA VAL B 56 7.85 29.83 13.80
C VAL B 56 8.45 29.91 12.38
N ARG B 57 8.05 28.98 11.52
CA ARG B 57 8.52 28.98 10.14
C ARG B 57 7.86 30.06 9.29
N ASN B 58 6.63 30.45 9.64
CA ASN B 58 5.86 31.36 8.79
C ASN B 58 5.56 32.73 9.40
N ASP B 59 6.30 33.08 10.46
CA ASP B 59 6.22 34.39 11.11
C ASP B 59 7.44 34.60 12.00
N GLU B 60 8.42 35.36 11.51
CA GLU B 60 9.65 35.63 12.24
C GLU B 60 9.42 36.52 13.46
N ASN B 61 8.30 37.24 13.46
CA ASN B 61 8.00 38.19 14.54
C ASN B 61 7.20 37.58 15.70
N ALA B 62 6.81 36.32 15.54
CA ALA B 62 6.00 35.62 16.53
C ALA B 62 6.72 35.35 17.85
N ASN B 63 6.00 35.59 18.95
CA ASN B 63 6.44 35.12 20.26
C ASN B 63 5.62 33.88 20.60
N VAL B 64 6.24 32.71 20.44
CA VAL B 64 5.59 31.45 20.74
C VAL B 64 5.97 30.96 22.13
N VAL B 65 4.98 30.85 23.00
CA VAL B 65 5.12 30.21 24.30
C VAL B 65 4.37 28.88 24.27
N THR B 66 5.06 27.79 24.60
CA THR B 66 4.41 26.49 24.76
C THR B 66 4.47 26.04 26.22
N LEU B 67 3.35 25.54 26.72
CA LEU B 67 3.23 25.12 28.11
C LEU B 67 2.97 23.62 28.21
N GLU B 68 3.95 22.90 28.78
CA GLU B 68 3.83 21.46 28.92
C GLU B 68 3.88 21.08 30.39
N LYS B 69 2.89 20.30 30.82
CA LYS B 69 2.75 19.80 32.18
C LYS B 69 3.95 18.94 32.61
N GLY B 70 4.40 18.07 31.70
CA GLY B 70 5.49 17.14 31.99
C GLY B 70 6.86 17.74 31.73
N GLU B 71 7.86 16.87 31.64
CA GLU B 71 9.24 17.30 31.43
C GLU B 71 9.74 16.97 30.02
N ILE B 72 8.92 16.27 29.24
CA ILE B 72 9.34 15.77 27.93
C ILE B 72 8.45 16.29 26.79
N TYR B 73 9.08 16.98 25.85
CA TYR B 73 8.44 17.45 24.61
C TYR B 73 8.59 16.43 23.49
N SER B 74 7.69 16.51 22.50
CA SER B 74 7.82 15.78 21.22
C SER B 74 8.42 14.37 21.32
N TYR B 75 7.63 13.43 21.79
CA TYR B 75 8.07 12.05 21.91
C TYR B 75 7.04 11.11 21.28
N ALA B 76 7.48 9.90 20.96
CA ALA B 76 6.63 8.94 20.27
C ALA B 76 5.96 7.97 21.25
N GLN B 77 4.73 8.27 21.63
CA GLN B 77 3.92 7.37 22.47
C GLN B 77 3.76 5.99 21.83
N CYS B 78 3.71 5.97 20.50
CA CYS B 78 3.58 4.75 19.70
C CYS B 78 4.69 3.71 19.94
N GLY B 79 5.87 4.19 20.32
CA GLY B 79 7.02 3.30 20.57
C GLY B 79 7.12 2.73 21.96
N LEU B 80 6.24 3.18 22.85
CA LEU B 80 6.21 2.75 24.25
C LEU B 80 6.11 1.23 24.46
N PRO B 81 5.16 0.55 23.80
CA PRO B 81 5.08 -0.92 23.96
C PRO B 81 6.35 -1.65 23.53
N TYR B 82 7.06 -1.10 22.55
CA TYR B 82 8.26 -1.73 22.01
C TYR B 82 9.52 -1.41 22.80
N VAL B 83 9.48 -0.34 23.59
CA VAL B 83 10.50 -0.10 24.60
C VAL B 83 10.35 -1.12 25.73
N ILE B 84 9.11 -1.34 26.16
CA ILE B 84 8.82 -2.27 27.26
C ILE B 84 9.15 -3.73 26.90
N SER B 85 8.93 -4.11 25.64
CA SER B 85 9.32 -5.44 25.15
C SER B 85 10.83 -5.58 25.04
N GLY B 86 11.53 -4.45 24.92
CA GLY B 86 12.98 -4.43 24.77
C GLY B 86 13.42 -4.40 23.31
N ALA B 87 12.45 -4.23 22.40
CA ALA B 87 12.76 -4.14 20.97
C ALA B 87 13.53 -2.86 20.67
N ILE B 88 13.19 -1.79 21.39
CA ILE B 88 13.88 -0.51 21.32
C ILE B 88 14.70 -0.33 22.60
N ALA B 89 15.91 0.17 22.44
CA ALA B 89 16.89 0.28 23.52
C ALA B 89 16.37 0.98 24.78
N SER B 90 15.81 2.18 24.60
CA SER B 90 15.35 3.01 25.71
C SER B 90 14.35 4.06 25.24
N THR B 91 13.67 4.68 26.21
CA THR B 91 12.68 5.73 25.96
C THR B 91 13.29 6.99 25.33
N GLU B 92 14.60 7.18 25.54
CA GLU B 92 15.33 8.30 24.94
C GLU B 92 15.31 8.23 23.41
N LYS B 93 15.19 7.02 22.89
CA LYS B 93 15.10 6.79 21.44
C LYS B 93 13.77 7.28 20.85
N LEU B 94 12.82 7.64 21.71
CA LEU B 94 11.49 8.05 21.25
C LEU B 94 11.30 9.56 21.17
N ILE B 95 12.28 10.32 21.65
CA ILE B 95 12.23 11.78 21.58
C ILE B 95 12.55 12.24 20.16
N ALA B 96 11.59 12.93 19.54
CA ALA B 96 11.74 13.41 18.16
C ALA B 96 12.50 14.74 18.08
N ARG B 97 12.25 15.63 19.04
CA ARG B 97 12.91 16.93 19.12
C ARG B 97 12.90 17.36 20.58
N ASN B 98 14.08 17.58 21.17
CA ASN B 98 14.11 17.93 22.58
C ASN B 98 13.93 19.43 22.83
N VAL B 99 13.62 19.78 24.09
CA VAL B 99 13.27 21.15 24.45
C VAL B 99 14.37 22.16 24.10
N LYS B 100 15.63 21.78 24.29
CA LYS B 100 16.77 22.65 23.96
C LYS B 100 16.77 23.09 22.50
N THR B 101 16.45 22.17 21.60
CA THR B 101 16.34 22.49 20.18
C THR B 101 15.24 23.52 19.93
N PHE B 102 14.05 23.27 20.50
CA PHE B 102 12.92 24.21 20.39
C PHE B 102 13.28 25.61 20.86
N ARG B 103 13.95 25.68 22.01
CA ARG B 103 14.38 26.95 22.58
C ARG B 103 15.48 27.61 21.73
N ASP B 104 16.61 26.92 21.58
CA ASP B 104 17.81 27.50 20.95
C ASP B 104 17.70 27.71 19.43
N LYS B 105 17.27 26.68 18.71
CA LYS B 105 17.25 26.73 17.25
C LYS B 105 16.02 27.45 16.66
N TYR B 106 14.87 27.27 17.31
CA TYR B 106 13.60 27.80 16.79
C TYR B 106 13.04 29.01 17.53
N GLY B 107 13.65 29.36 18.67
CA GLY B 107 13.25 30.54 19.42
C GLY B 107 11.89 30.43 20.10
N ILE B 108 11.41 29.20 20.30
CA ILE B 108 10.18 28.95 21.04
C ILE B 108 10.47 29.00 22.55
N ASP B 109 9.68 29.77 23.28
CA ASP B 109 9.75 29.79 24.73
C ASP B 109 9.05 28.54 25.28
N ALA B 110 9.69 27.39 25.12
CA ALA B 110 9.12 26.11 25.54
C ALA B 110 9.27 25.90 27.04
N LYS B 111 8.15 25.87 27.75
CA LYS B 111 8.14 25.69 29.20
C LYS B 111 7.83 24.25 29.58
N VAL B 112 8.56 23.74 30.57
CA VAL B 112 8.31 22.41 31.13
C VAL B 112 7.74 22.56 32.54
N ARG B 113 7.11 21.50 33.04
CA ARG B 113 6.49 21.50 34.38
C ARG B 113 5.49 22.65 34.59
N HIS B 114 4.90 23.14 33.51
CA HIS B 114 3.86 24.17 33.57
C HIS B 114 2.49 23.58 33.25
N GLU B 115 1.69 23.36 34.30
CA GLU B 115 0.33 22.87 34.15
C GLU B 115 -0.67 24.02 34.13
N VAL B 116 -1.45 24.10 33.05
CA VAL B 116 -2.50 25.10 32.94
C VAL B 116 -3.70 24.67 33.76
N THR B 117 -4.11 25.55 34.67
CA THR B 117 -5.23 25.30 35.58
C THR B 117 -6.47 26.11 35.21
N LYS B 118 -6.27 27.20 34.45
CA LYS B 118 -7.35 28.11 34.09
C LYS B 118 -7.04 28.93 32.84
N VAL B 119 -8.06 29.17 32.03
CA VAL B 119 -7.98 30.11 30.92
C VAL B 119 -9.08 31.16 31.06
N ASP B 120 -8.70 32.44 31.00
CA ASP B 120 -9.64 33.56 30.92
C ASP B 120 -9.65 34.03 29.48
N THR B 121 -10.71 33.68 28.76
CA THR B 121 -10.80 33.96 27.32
C THR B 121 -11.20 35.41 27.03
N GLU B 122 -11.75 36.09 28.03
CA GLU B 122 -12.15 37.49 27.91
C GLU B 122 -10.93 38.39 28.05
N LYS B 123 -10.14 38.16 29.09
CA LYS B 123 -8.90 38.90 29.33
C LYS B 123 -7.75 38.36 28.46
N LYS B 124 -7.95 37.16 27.90
CA LYS B 124 -6.94 36.48 27.08
C LYS B 124 -5.66 36.17 27.88
N ILE B 125 -5.86 35.51 29.02
CA ILE B 125 -4.78 35.13 29.92
C ILE B 125 -4.85 33.64 30.24
N VAL B 126 -3.71 32.96 30.11
CA VAL B 126 -3.59 31.57 30.51
C VAL B 126 -2.85 31.53 31.86
N TYR B 127 -3.44 30.81 32.82
CA TYR B 127 -2.83 30.66 34.15
C TYR B 127 -2.27 29.26 34.29
N ALA B 128 -0.98 29.18 34.59
CA ALA B 128 -0.30 27.92 34.76
C ALA B 128 0.35 27.78 36.14
N GLU B 129 0.36 26.55 36.63
CA GLU B 129 0.90 26.19 37.93
C GLU B 129 2.20 25.44 37.66
N HIS B 130 3.28 25.84 38.33
CA HIS B 130 4.49 25.04 38.28
C HIS B 130 4.29 23.76 39.09
N THR B 131 4.50 22.60 38.46
CA THR B 131 4.17 21.32 39.09
C THR B 131 5.02 20.96 40.32
N LYS B 132 6.17 21.60 40.47
CA LYS B 132 7.02 21.37 41.63
C LYS B 132 6.80 22.44 42.71
N THR B 133 7.10 23.69 42.38
CA THR B 133 7.02 24.80 43.34
C THR B 133 5.58 25.23 43.65
N LYS B 134 4.67 24.90 42.73
CA LYS B 134 3.24 25.25 42.83
C LYS B 134 2.95 26.74 42.67
N ASP B 135 3.97 27.51 42.30
CA ASP B 135 3.82 28.94 42.04
C ASP B 135 3.06 29.18 40.75
N VAL B 136 2.32 30.29 40.71
CA VAL B 136 1.39 30.56 39.62
C VAL B 136 1.93 31.59 38.63
N PHE B 137 1.88 31.23 37.35
CA PHE B 137 2.37 32.08 36.28
C PHE B 137 1.25 32.37 35.30
N GLU B 138 1.24 33.58 34.78
CA GLU B 138 0.24 33.92 33.78
C GLU B 138 0.85 34.33 32.45
N PHE B 139 0.16 34.00 31.37
CA PHE B 139 0.65 34.21 30.02
C PHE B 139 -0.45 34.81 29.18
N SER B 140 -0.16 35.97 28.63
CA SER B 140 -1.07 36.72 27.80
C SER B 140 -1.00 36.19 26.36
N TYR B 141 -2.14 36.06 25.71
CA TYR B 141 -2.16 35.61 24.31
C TYR B 141 -2.96 36.50 23.38
N ASP B 142 -2.55 36.50 22.11
CA ASP B 142 -3.38 37.00 21.03
C ASP B 142 -4.16 35.84 20.45
N ARG B 143 -3.47 34.72 20.26
CA ARG B 143 -4.12 33.48 19.84
C ARG B 143 -3.63 32.29 20.65
N LEU B 144 -4.58 31.41 20.98
CA LEU B 144 -4.35 30.29 21.87
C LEU B 144 -4.70 28.98 21.19
N LEU B 145 -3.83 27.99 21.38
CA LEU B 145 -4.10 26.64 20.93
C LEU B 145 -4.11 25.69 22.13
N ILE B 146 -5.22 24.94 22.24
CA ILE B 146 -5.33 23.86 23.20
C ILE B 146 -4.97 22.53 22.53
N ALA B 147 -3.89 21.92 22.99
CA ALA B 147 -3.39 20.67 22.41
C ALA B 147 -2.97 19.69 23.52
N THR B 148 -3.88 19.48 24.45
CA THR B 148 -3.61 18.77 25.71
C THR B 148 -3.86 17.27 25.65
N GLY B 149 -4.32 16.78 24.51
CA GLY B 149 -4.48 15.34 24.28
C GLY B 149 -5.51 14.71 25.19
N VAL B 150 -5.31 13.42 25.43
CA VAL B 150 -6.16 12.63 26.32
C VAL B 150 -5.31 11.98 27.39
N ARG B 151 -5.96 11.53 28.45
CA ARG B 151 -5.32 10.75 29.50
C ARG B 151 -6.00 9.39 29.60
N PRO B 152 -5.24 8.35 30.04
CA PRO B 152 -5.87 7.03 30.24
C PRO B 152 -6.85 7.04 31.41
N VAL B 153 -7.95 6.31 31.26
CA VAL B 153 -8.98 6.26 32.29
C VAL B 153 -8.66 5.15 33.30
N MET B 154 -8.73 5.49 34.58
CA MET B 154 -8.68 4.51 35.65
C MET B 154 -10.02 4.52 36.39
N PRO B 155 -10.85 3.48 36.17
CA PRO B 155 -12.10 3.34 36.91
C PRO B 155 -11.85 3.26 38.42
N GLU B 156 -12.88 3.59 39.20
CA GLU B 156 -12.73 3.72 40.64
C GLU B 156 -12.81 2.37 41.37
N TRP B 157 -11.99 1.42 40.94
CA TRP B 157 -11.90 0.12 41.57
C TRP B 157 -11.11 0.20 42.87
N GLU B 158 -11.52 -0.61 43.85
CA GLU B 158 -10.74 -0.84 45.05
C GLU B 158 -9.37 -1.42 44.65
N GLY B 159 -8.32 -0.96 45.32
CA GLY B 159 -6.96 -1.40 45.05
C GLY B 159 -6.34 -0.89 43.76
N ARG B 160 -6.87 0.19 43.20
CA ARG B 160 -6.33 0.78 41.97
C ARG B 160 -4.99 1.49 42.18
N ASP B 161 -4.70 1.85 43.44
CA ASP B 161 -3.48 2.54 43.82
C ASP B 161 -2.35 1.58 44.21
N LEU B 162 -2.64 0.28 44.20
CA LEU B 162 -1.65 -0.75 44.54
C LEU B 162 -0.45 -0.71 43.61
N GLN B 163 0.74 -0.99 44.14
CA GLN B 163 1.95 -1.12 43.33
C GLN B 163 1.80 -2.25 42.33
N GLY B 164 2.11 -1.96 41.07
CA GLY B 164 2.01 -2.97 40.01
C GLY B 164 0.78 -2.85 39.14
N VAL B 165 -0.12 -1.92 39.51
CA VAL B 165 -1.26 -1.55 38.66
C VAL B 165 -0.84 -0.34 37.83
N HIS B 166 -0.92 -0.46 36.51
CA HIS B 166 -0.35 0.53 35.60
C HIS B 166 -1.30 1.00 34.51
N LEU B 167 -1.19 2.28 34.20
CA LEU B 167 -1.75 2.85 32.97
C LEU B 167 -0.57 3.07 32.04
N LEU B 168 -0.84 3.18 30.74
CA LEU B 168 0.24 3.47 29.80
C LEU B 168 -0.09 4.65 28.90
N LYS B 169 0.65 5.74 29.05
CA LYS B 169 0.48 6.92 28.21
C LYS B 169 1.80 7.62 27.92
N THR B 170 2.61 7.81 28.95
CA THR B 170 3.80 8.65 28.91
C THR B 170 5.07 7.83 29.06
N ILE B 171 6.22 8.47 28.82
CA ILE B 171 7.51 7.82 29.06
C ILE B 171 7.68 7.39 30.53
N PRO B 172 7.38 8.29 31.50
CA PRO B 172 7.40 7.83 32.90
C PRO B 172 6.50 6.63 33.20
N ASP B 173 5.30 6.57 32.60
CA ASP B 173 4.44 5.39 32.73
C ASP B 173 5.17 4.10 32.32
N ALA B 174 5.85 4.16 31.18
CA ALA B 174 6.61 3.03 30.65
C ALA B 174 7.77 2.65 31.57
N GLU B 175 8.44 3.65 32.14
CA GLU B 175 9.53 3.40 33.07
C GLU B 175 9.03 2.75 34.37
N ARG B 176 7.83 3.13 34.80
CA ARG B 176 7.19 2.51 35.97
C ARG B 176 6.85 1.03 35.74
N ILE B 177 6.50 0.71 34.50
CA ILE B 177 6.22 -0.68 34.12
C ILE B 177 7.50 -1.48 34.09
N LEU B 178 8.56 -0.86 33.57
CA LEU B 178 9.89 -1.46 33.54
C LEU B 178 10.45 -1.62 34.95
N LYS B 179 10.06 -0.71 35.85
CA LYS B 179 10.44 -0.76 37.26
C LYS B 179 9.84 -1.99 37.94
N THR B 180 8.58 -2.26 37.65
CA THR B 180 7.87 -3.42 38.20
C THR B 180 8.46 -4.73 37.67
N LEU B 181 8.72 -4.77 36.37
CA LEU B 181 9.32 -5.94 35.73
C LEU B 181 10.72 -6.24 36.26
N GLU B 182 11.45 -5.17 36.60
CA GLU B 182 12.81 -5.30 37.12
C GLU B 182 12.81 -5.71 38.58
N THR B 183 12.16 -4.90 39.43
CA THR B 183 12.24 -5.05 40.89
C THR B 183 11.37 -6.17 41.47
N ASN B 184 10.36 -6.62 40.71
CA ASN B 184 9.44 -7.64 41.20
C ASN B 184 9.40 -8.89 40.32
N LYS B 185 9.16 -10.03 40.97
CA LYS B 185 9.02 -11.32 40.27
C LYS B 185 7.68 -11.42 39.54
N VAL B 186 7.69 -11.04 38.27
CA VAL B 186 6.46 -11.03 37.46
C VAL B 186 6.37 -12.27 36.56
N GLU B 187 5.33 -13.08 36.78
CA GLU B 187 5.06 -14.24 35.92
C GLU B 187 3.65 -14.22 35.34
N ASP B 188 2.69 -13.68 36.09
CA ASP B 188 1.29 -13.58 35.64
C ASP B 188 0.90 -12.12 35.42
N VAL B 189 0.46 -11.80 34.21
CA VAL B 189 0.07 -10.43 33.86
C VAL B 189 -1.39 -10.39 33.41
N THR B 190 -2.14 -9.43 33.96
CA THR B 190 -3.52 -9.23 33.58
C THR B 190 -3.71 -7.87 32.93
N ILE B 191 -4.29 -7.88 31.74
CA ILE B 191 -4.58 -6.67 30.97
C ILE B 191 -6.08 -6.46 30.99
N ILE B 192 -6.50 -5.29 31.43
CA ILE B 192 -7.91 -4.93 31.41
C ILE B 192 -8.18 -4.01 30.22
N GLY B 193 -9.08 -4.44 29.35
CA GLY B 193 -9.44 -3.71 28.14
C GLY B 193 -8.79 -4.32 26.93
N GLY B 194 -9.61 -4.71 25.95
CA GLY B 194 -9.11 -5.41 24.77
C GLY B 194 -9.14 -4.57 23.51
N GLY B 195 -8.70 -3.32 23.62
CA GLY B 195 -8.56 -2.41 22.49
C GLY B 195 -7.11 -2.30 22.06
N ALA B 196 -6.75 -1.15 21.50
CA ALA B 196 -5.44 -0.92 20.88
C ALA B 196 -4.25 -1.15 21.81
N ILE B 197 -4.26 -0.50 22.99
CA ILE B 197 -3.16 -0.65 23.96
C ILE B 197 -3.14 -2.05 24.54
N GLY B 198 -4.31 -2.57 24.88
CA GLY B 198 -4.44 -3.93 25.41
C GLY B 198 -3.85 -4.96 24.48
N LEU B 199 -4.15 -4.83 23.19
CA LEU B 199 -3.65 -5.76 22.17
C LEU B 199 -2.14 -5.67 21.99
N GLU B 200 -1.60 -4.47 21.87
CA GLU B 200 -0.16 -4.28 21.68
C GLU B 200 0.64 -4.70 22.92
N MET B 201 0.10 -4.44 24.10
CA MET B 201 0.78 -4.80 25.34
C MET B 201 0.67 -6.29 25.65
N ALA B 202 -0.36 -6.95 25.14
CA ALA B 202 -0.46 -8.41 25.21
C ALA B 202 0.69 -9.05 24.46
N GLU B 203 1.03 -8.49 23.30
CA GLU B 203 2.20 -8.95 22.56
C GLU B 203 3.47 -8.73 23.38
N THR B 204 3.65 -7.50 23.85
CA THR B 204 4.81 -7.13 24.67
C THR B 204 5.02 -8.09 25.84
N PHE B 205 3.95 -8.39 26.57
CA PHE B 205 4.05 -9.27 27.74
C PHE B 205 4.27 -10.74 27.39
N VAL B 206 3.69 -11.20 26.28
CA VAL B 206 3.96 -12.55 25.80
C VAL B 206 5.44 -12.67 25.39
N GLU B 207 5.93 -11.67 24.65
CA GLU B 207 7.33 -11.63 24.22
C GLU B 207 8.32 -11.59 25.38
N LEU B 208 7.88 -11.01 26.50
CA LEU B 208 8.69 -11.00 27.74
C LEU B 208 8.56 -12.32 28.50
N GLY B 209 7.78 -13.24 27.94
CA GLY B 209 7.66 -14.59 28.48
C GLY B 209 6.71 -14.71 29.65
N LYS B 210 5.73 -13.81 29.73
CA LYS B 210 4.75 -13.84 30.82
C LYS B 210 3.51 -14.65 30.45
N LYS B 211 2.80 -15.13 31.47
CA LYS B 211 1.49 -15.72 31.26
C LYS B 211 0.47 -14.57 31.27
N VAL B 212 -0.13 -14.33 30.10
CA VAL B 212 -0.96 -13.16 29.88
C VAL B 212 -2.44 -13.51 29.84
N ARG B 213 -3.22 -12.74 30.59
CA ARG B 213 -4.66 -12.77 30.54
C ARG B 213 -5.16 -11.38 30.15
N MET B 214 -6.16 -11.31 29.28
CA MET B 214 -6.86 -10.05 29.05
C MET B 214 -8.34 -10.16 29.34
N ILE B 215 -8.87 -9.14 30.00
CA ILE B 215 -10.26 -9.11 30.44
C ILE B 215 -11.02 -7.99 29.74
N GLU B 216 -12.09 -8.37 29.07
CA GLU B 216 -12.92 -7.46 28.30
C GLU B 216 -14.37 -7.58 28.78
N ARG B 217 -15.06 -6.45 28.91
CA ARG B 217 -16.47 -6.44 29.30
C ARG B 217 -17.38 -6.64 28.09
N ASN B 218 -16.80 -6.49 26.89
CA ASN B 218 -17.52 -6.69 25.64
C ASN B 218 -17.47 -8.15 25.18
N ASP B 219 -18.16 -8.44 24.08
CA ASP B 219 -18.25 -9.81 23.55
C ASP B 219 -16.95 -10.37 23.00
N HIS B 220 -16.07 -9.49 22.52
CA HIS B 220 -14.78 -9.91 21.97
C HIS B 220 -13.73 -8.82 22.10
N ILE B 221 -12.46 -9.22 22.13
CA ILE B 221 -11.34 -8.27 22.07
C ILE B 221 -11.26 -7.70 20.64
N GLY B 222 -10.56 -6.57 20.48
CA GLY B 222 -10.53 -5.87 19.20
C GLY B 222 -11.94 -5.46 18.83
N THR B 223 -12.54 -4.65 19.70
CA THR B 223 -13.96 -4.27 19.64
C THR B 223 -14.36 -3.48 18.39
N ILE B 224 -13.43 -2.71 17.82
CA ILE B 224 -13.70 -1.94 16.59
C ILE B 224 -13.94 -2.84 15.38
N TYR B 225 -13.48 -4.08 15.44
CA TYR B 225 -13.66 -5.01 14.34
C TYR B 225 -15.05 -5.62 14.42
N ASP B 226 -15.60 -6.01 13.27
CA ASP B 226 -16.88 -6.70 13.24
C ASP B 226 -16.67 -8.09 13.83
N GLY B 227 -17.76 -8.71 14.28
CA GLY B 227 -17.70 -10.02 14.94
C GLY B 227 -16.92 -11.05 14.13
N ASP B 228 -17.22 -11.12 12.83
CA ASP B 228 -16.61 -12.09 11.93
C ASP B 228 -15.10 -11.90 11.72
N MET B 229 -14.63 -10.66 11.76
CA MET B 229 -13.20 -10.39 11.62
C MET B 229 -12.48 -10.56 12.97
N ALA B 230 -13.21 -10.34 14.05
CA ALA B 230 -12.69 -10.43 15.42
C ALA B 230 -12.27 -11.85 15.78
N GLU B 231 -12.87 -12.83 15.09
CA GLU B 231 -12.55 -14.24 15.27
C GLU B 231 -11.09 -14.52 14.97
N TYR B 232 -10.53 -13.82 13.98
CA TYR B 232 -9.12 -13.98 13.62
C TYR B 232 -8.20 -13.48 14.73
N ILE B 233 -8.64 -12.43 15.42
CA ILE B 233 -7.91 -11.91 16.57
C ILE B 233 -7.87 -12.92 17.72
N TYR B 234 -9.04 -13.47 18.06
CA TYR B 234 -9.16 -14.47 19.11
C TYR B 234 -8.29 -15.69 18.82
N LYS B 235 -8.29 -16.16 17.58
CA LYS B 235 -7.48 -17.32 17.17
C LYS B 235 -6.00 -17.10 17.38
N GLU B 236 -5.50 -15.93 16.99
CA GLU B 236 -4.08 -15.60 17.14
C GLU B 236 -3.65 -15.50 18.60
N ALA B 237 -4.50 -14.92 19.45
CA ALA B 237 -4.23 -14.78 20.87
C ALA B 237 -4.23 -16.15 21.55
N ASP B 238 -5.21 -16.97 21.19
CA ASP B 238 -5.35 -18.34 21.68
C ASP B 238 -4.14 -19.18 21.32
N LYS B 239 -3.64 -18.99 20.10
CA LYS B 239 -2.45 -19.68 19.59
C LYS B 239 -1.22 -19.41 20.46
N HIS B 240 -1.11 -18.18 20.96
CA HIS B 240 0.02 -17.76 21.78
C HIS B 240 -0.26 -17.87 23.28
N HIS B 241 -1.34 -18.59 23.60
CA HIS B 241 -1.72 -18.92 24.98
C HIS B 241 -2.08 -17.70 25.83
N ILE B 242 -2.79 -16.77 25.22
CA ILE B 242 -3.37 -15.63 25.93
C ILE B 242 -4.78 -16.02 26.34
N GLU B 243 -5.04 -16.02 27.64
CA GLU B 243 -6.38 -16.25 28.16
C GLU B 243 -7.24 -15.01 27.90
N ILE B 244 -8.33 -15.18 27.15
CA ILE B 244 -9.28 -14.12 26.89
C ILE B 244 -10.56 -14.35 27.69
N LEU B 245 -10.88 -13.38 28.56
CA LEU B 245 -12.11 -13.42 29.32
C LEU B 245 -13.04 -12.31 28.83
N THR B 246 -14.20 -12.74 28.34
CA THR B 246 -15.14 -11.87 27.66
C THR B 246 -16.40 -11.71 28.52
N ASN B 247 -17.15 -10.63 28.31
CA ASN B 247 -18.33 -10.31 29.13
C ASN B 247 -18.05 -10.47 30.63
N GLU B 248 -16.87 -10.00 31.06
CA GLU B 248 -16.43 -10.12 32.44
C GLU B 248 -16.06 -8.76 33.01
N ASN B 249 -16.53 -8.48 34.23
CA ASN B 249 -16.43 -7.16 34.82
C ASN B 249 -15.53 -7.12 36.04
N VAL B 250 -14.42 -6.39 35.93
CA VAL B 250 -13.50 -6.19 37.05
C VAL B 250 -14.22 -5.44 38.16
N LYS B 251 -14.06 -5.90 39.39
CA LYS B 251 -14.62 -5.17 40.52
C LYS B 251 -13.59 -4.61 41.49
N ALA B 252 -12.47 -5.32 41.67
CA ALA B 252 -11.42 -4.87 42.59
C ALA B 252 -10.06 -5.46 42.26
N PHE B 253 -9.01 -4.79 42.74
CA PHE B 253 -7.67 -5.35 42.75
C PHE B 253 -7.29 -5.67 44.17
N LYS B 254 -6.86 -6.91 44.40
CA LYS B 254 -6.53 -7.39 45.73
C LYS B 254 -5.03 -7.48 45.97
N GLY B 255 -4.62 -7.25 47.21
CA GLY B 255 -3.22 -7.22 47.60
C GLY B 255 -2.96 -6.31 48.79
N ASN B 256 -1.79 -6.45 49.39
CA ASN B 256 -1.41 -5.65 50.55
C ASN B 256 -0.75 -4.33 50.12
N GLU B 257 0.48 -4.43 49.62
CA GLU B 257 1.20 -3.28 49.06
C GLU B 257 1.18 -3.36 47.54
N ARG B 258 1.54 -4.53 47.01
CA ARG B 258 1.51 -4.80 45.57
C ARG B 258 0.22 -5.54 45.22
N VAL B 259 -0.16 -5.52 43.93
CA VAL B 259 -1.19 -6.42 43.43
C VAL B 259 -0.71 -7.86 43.48
N GLU B 260 -1.62 -8.75 43.84
CA GLU B 260 -1.39 -10.18 43.75
C GLU B 260 -2.57 -10.89 43.09
N ALA B 261 -3.67 -10.16 42.88
CA ALA B 261 -4.89 -10.72 42.30
C ALA B 261 -5.85 -9.69 41.71
N VAL B 262 -6.55 -10.09 40.66
CA VAL B 262 -7.62 -9.30 40.07
C VAL B 262 -8.95 -9.99 40.34
N GLU B 263 -9.84 -9.30 41.03
CA GLU B 263 -11.17 -9.82 41.33
C GLU B 263 -12.18 -9.35 40.27
N THR B 264 -13.00 -10.28 39.80
CA THR B 264 -14.05 -9.96 38.83
C THR B 264 -15.40 -10.50 39.32
N ASP B 265 -16.45 -10.29 38.54
CA ASP B 265 -17.77 -10.84 38.85
C ASP B 265 -17.85 -12.36 38.59
N LYS B 266 -16.85 -12.90 37.90
CA LYS B 266 -16.82 -14.33 37.60
C LYS B 266 -15.66 -15.08 38.27
N GLY B 267 -14.74 -14.36 38.90
CA GLY B 267 -13.67 -15.00 39.67
C GLY B 267 -12.57 -14.08 40.18
N THR B 268 -11.55 -14.68 40.79
CA THR B 268 -10.38 -13.97 41.27
C THR B 268 -9.14 -14.64 40.72
N TYR B 269 -8.27 -13.88 40.05
CA TYR B 269 -7.11 -14.43 39.37
C TYR B 269 -5.80 -13.79 39.81
N LYS B 270 -4.77 -14.62 39.98
CA LYS B 270 -3.43 -14.16 40.34
C LYS B 270 -2.86 -13.24 39.27
N ALA B 271 -2.34 -12.10 39.71
CA ALA B 271 -1.69 -11.14 38.82
C ALA B 271 -0.58 -10.40 39.56
N ASP B 272 0.63 -10.42 38.98
CA ASP B 272 1.79 -9.76 39.58
C ASP B 272 1.94 -8.36 39.00
N LEU B 273 1.26 -8.12 37.88
CA LEU B 273 1.29 -6.85 37.17
C LEU B 273 -0.04 -6.72 36.44
N VAL B 274 -0.70 -5.58 36.63
CA VAL B 274 -1.97 -5.30 35.98
C VAL B 274 -1.82 -4.07 35.11
N LEU B 275 -2.19 -4.20 33.84
CA LEU B 275 -2.25 -3.06 32.94
C LEU B 275 -3.70 -2.68 32.69
N VAL B 276 -4.04 -1.44 33.04
CA VAL B 276 -5.38 -0.93 32.79
C VAL B 276 -5.33 -0.14 31.51
N SER B 277 -6.03 -0.64 30.49
CA SER B 277 -6.07 -0.01 29.18
C SER B 277 -7.51 -0.04 28.67
N VAL B 278 -8.36 0.73 29.36
CA VAL B 278 -9.81 0.69 29.15
C VAL B 278 -10.35 1.95 28.46
N GLY B 279 -9.46 2.74 27.87
CA GLY B 279 -9.86 3.95 27.17
C GLY B 279 -9.22 5.22 27.69
N VAL B 280 -9.65 6.33 27.12
CA VAL B 280 -9.04 7.64 27.37
C VAL B 280 -10.09 8.72 27.51
N LYS B 281 -9.70 9.82 28.12
CA LYS B 281 -10.56 10.98 28.31
C LYS B 281 -9.79 12.26 27.93
N PRO B 282 -10.41 13.18 27.17
CA PRO B 282 -9.75 14.46 26.83
C PRO B 282 -9.29 15.25 28.06
N ASN B 283 -8.08 15.79 27.98
CA ASN B 283 -7.52 16.63 29.04
C ASN B 283 -8.07 18.05 28.96
N THR B 284 -9.37 18.21 29.21
CA THR B 284 -10.05 19.49 28.99
C THR B 284 -10.81 19.98 30.22
N ASP B 285 -10.58 19.32 31.35
CA ASP B 285 -11.27 19.66 32.60
C ASP B 285 -11.00 21.07 33.09
N PHE B 286 -9.78 21.56 32.86
CA PHE B 286 -9.36 22.90 33.29
C PHE B 286 -10.09 24.04 32.56
N LEU B 287 -10.90 23.68 31.56
CA LEU B 287 -11.60 24.68 30.74
C LEU B 287 -13.02 24.95 31.24
N GLU B 288 -13.46 24.17 32.22
CA GLU B 288 -14.76 24.42 32.84
C GLU B 288 -14.81 25.89 33.26
N GLY B 289 -15.82 26.61 32.74
CA GLY B 289 -15.97 28.04 32.99
C GLY B 289 -15.55 28.98 31.87
N THR B 290 -15.28 28.45 30.67
CA THR B 290 -14.75 29.27 29.57
C THR B 290 -15.70 29.59 28.41
N ASN B 291 -16.81 28.86 28.32
CA ASN B 291 -17.72 28.92 27.17
C ASN B 291 -17.25 28.08 25.95
N ILE B 292 -16.06 27.49 26.06
CA ILE B 292 -15.53 26.63 24.99
C ILE B 292 -16.35 25.35 24.89
N ARG B 293 -17.00 25.17 23.74
CA ARG B 293 -17.86 24.01 23.51
C ARG B 293 -17.09 22.70 23.36
N THR B 294 -17.61 21.67 24.03
CA THR B 294 -17.08 20.32 23.95
C THR B 294 -18.23 19.34 23.67
N ASN B 295 -17.90 18.17 23.13
CA ASN B 295 -18.89 17.13 22.92
C ASN B 295 -19.15 16.40 24.25
N HIS B 296 -19.95 15.33 24.19
CA HIS B 296 -20.32 14.59 25.39
C HIS B 296 -19.08 14.06 26.17
N LYS B 297 -18.10 13.53 25.44
CA LYS B 297 -16.88 13.00 26.07
C LYS B 297 -15.87 14.06 26.54
N GLY B 298 -16.11 15.32 26.23
CA GLY B 298 -15.23 16.41 26.65
C GLY B 298 -14.23 16.89 25.61
N ALA B 299 -14.32 16.35 24.40
CA ALA B 299 -13.46 16.81 23.29
C ALA B 299 -13.92 18.17 22.78
N ILE B 300 -12.97 19.06 22.57
CA ILE B 300 -13.27 20.43 22.14
C ILE B 300 -13.74 20.45 20.67
N GLU B 301 -14.93 20.97 20.45
CA GLU B 301 -15.47 21.11 19.10
C GLU B 301 -14.63 22.11 18.31
N VAL B 302 -14.24 21.72 17.10
CA VAL B 302 -13.56 22.63 16.19
C VAL B 302 -14.25 22.66 14.84
N ASN B 303 -14.17 23.81 14.17
CA ASN B 303 -14.65 23.93 12.80
C ASN B 303 -13.53 23.52 11.83
N ALA B 304 -13.77 23.71 10.52
CA ALA B 304 -12.83 23.31 9.48
C ALA B 304 -11.42 23.86 9.71
N TYR B 305 -11.36 24.99 10.41
CA TYR B 305 -10.11 25.74 10.58
C TYR B 305 -9.51 25.61 11.98
N MET B 306 -9.95 24.59 12.71
CA MET B 306 -9.41 24.26 14.03
C MET B 306 -9.78 25.31 15.07
N GLN B 307 -10.80 26.10 14.75
CA GLN B 307 -11.26 27.18 15.62
C GLN B 307 -12.39 26.67 16.50
N THR B 308 -12.35 27.06 17.77
CA THR B 308 -13.43 26.76 18.72
C THR B 308 -14.51 27.81 18.48
N ASN B 309 -15.59 27.77 19.27
CA ASN B 309 -16.61 28.80 19.23
C ASN B 309 -16.20 30.11 19.92
N VAL B 310 -15.05 30.09 20.60
CA VAL B 310 -14.53 31.28 21.28
C VAL B 310 -13.43 31.95 20.44
N GLN B 311 -13.62 33.24 20.15
CA GLN B 311 -12.67 34.02 19.35
C GLN B 311 -11.21 33.82 19.78
N ASP B 312 -10.37 33.52 18.78
CA ASP B 312 -8.91 33.40 18.94
C ASP B 312 -8.44 32.20 19.78
N VAL B 313 -9.36 31.29 20.07
CA VAL B 313 -9.01 30.05 20.75
C VAL B 313 -9.18 28.89 19.76
N TYR B 314 -8.12 28.08 19.66
CA TYR B 314 -8.04 26.95 18.73
C TYR B 314 -7.83 25.65 19.48
N ALA B 315 -8.12 24.53 18.84
CA ALA B 315 -7.82 23.22 19.44
C ALA B 315 -7.41 22.24 18.35
N ALA B 316 -6.62 21.23 18.73
CA ALA B 316 -6.10 20.27 17.78
C ALA B 316 -5.63 19.00 18.50
N GLY B 317 -5.70 17.88 17.79
CA GLY B 317 -5.20 16.62 18.33
C GLY B 317 -6.23 15.84 19.11
N ASP B 318 -5.77 15.01 20.04
CA ASP B 318 -6.63 14.11 20.81
C ASP B 318 -7.63 14.81 21.72
N CYS B 319 -7.36 16.08 22.08
CA CYS B 319 -8.30 16.84 22.93
C CYS B 319 -9.46 17.48 22.14
N ALA B 320 -9.40 17.36 20.82
CA ALA B 320 -10.36 18.01 19.90
C ALA B 320 -11.27 17.00 19.20
N THR B 321 -12.34 17.49 18.57
CA THR B 321 -13.17 16.62 17.74
C THR B 321 -12.61 16.47 16.32
N HIS B 322 -13.00 15.40 15.65
CA HIS B 322 -12.40 15.05 14.38
C HIS B 322 -13.51 14.81 13.37
N TYR B 323 -13.66 15.75 12.44
CA TYR B 323 -14.62 15.64 11.36
C TYR B 323 -14.35 14.32 10.62
N HIS B 324 -15.40 13.53 10.43
CA HIS B 324 -15.26 12.23 9.81
C HIS B 324 -15.71 12.31 8.37
N VAL B 325 -14.81 11.99 7.45
CA VAL B 325 -15.07 12.03 6.01
C VAL B 325 -16.35 11.26 5.62
N ILE B 326 -16.52 10.07 6.18
CA ILE B 326 -17.64 9.18 5.81
C ILE B 326 -18.91 9.45 6.62
N LYS B 327 -18.78 9.61 7.95
CA LYS B 327 -19.94 9.90 8.80
C LYS B 327 -20.50 11.30 8.52
N GLU B 328 -19.62 12.23 8.11
CA GLU B 328 -20.00 13.63 7.83
C GLU B 328 -20.46 14.39 9.09
N ILE B 329 -20.01 13.93 10.24
CA ILE B 329 -20.24 14.61 11.51
C ILE B 329 -18.89 14.65 12.26
N HIS B 330 -18.83 15.39 13.36
CA HIS B 330 -17.61 15.41 14.17
C HIS B 330 -17.56 14.23 15.12
N ASP B 331 -16.52 13.44 14.97
CA ASP B 331 -16.30 12.25 15.76
C ASP B 331 -15.16 12.53 16.75
N HIS B 332 -14.76 11.50 17.48
CA HIS B 332 -13.55 11.58 18.30
C HIS B 332 -12.77 10.28 18.15
N ILE B 333 -11.74 10.33 17.32
CA ILE B 333 -10.87 9.21 17.03
C ILE B 333 -9.43 9.66 17.29
N PRO B 334 -9.02 9.65 18.57
CA PRO B 334 -7.71 10.20 18.91
C PRO B 334 -6.61 9.27 18.38
N ILE B 335 -5.71 9.81 17.56
CA ILE B 335 -4.63 9.05 16.93
C ILE B 335 -3.52 10.03 16.50
N GLY B 336 -2.28 9.55 16.45
CA GLY B 336 -1.11 10.38 16.18
C GLY B 336 -1.07 11.07 14.82
N THR B 337 -1.50 10.36 13.77
CA THR B 337 -1.54 10.91 12.41
C THR B 337 -2.45 12.13 12.35
N THR B 338 -3.70 11.95 12.81
CA THR B 338 -4.66 13.04 12.92
C THR B 338 -4.17 14.21 13.80
N ALA B 339 -3.50 13.91 14.91
CA ALA B 339 -2.96 14.96 15.80
C ALA B 339 -1.91 15.84 15.12
N ASN B 340 -1.02 15.21 14.36
CA ASN B 340 -0.02 15.97 13.61
C ASN B 340 -0.69 16.81 12.51
N LYS B 341 -1.60 16.20 11.78
CA LYS B 341 -2.33 16.90 10.72
C LYS B 341 -3.11 18.10 11.28
N GLN B 342 -3.88 17.89 12.34
CA GLN B 342 -4.61 18.98 12.97
C GLN B 342 -3.71 20.03 13.62
N GLY B 343 -2.66 19.58 14.27
CA GLY B 343 -1.67 20.49 14.86
C GLY B 343 -1.11 21.43 13.80
N ARG B 344 -0.62 20.84 12.72
CA ARG B 344 -0.06 21.59 11.60
C ARG B 344 -1.07 22.62 11.06
N LEU B 345 -2.30 22.16 10.84
CA LEU B 345 -3.37 23.03 10.34
C LEU B 345 -3.79 24.14 11.30
N ALA B 346 -3.79 23.87 12.60
CA ALA B 346 -4.09 24.90 13.60
C ALA B 346 -3.05 26.01 13.55
N GLY B 347 -1.76 25.62 13.49
CA GLY B 347 -0.67 26.57 13.34
C GLY B 347 -0.89 27.45 12.12
N LEU B 348 -1.09 26.83 10.96
CA LEU B 348 -1.36 27.55 9.72
C LEU B 348 -2.56 28.51 9.83
N ASN B 349 -3.67 28.02 10.37
CA ASN B 349 -4.86 28.85 10.55
C ASN B 349 -4.72 29.97 11.58
N MET B 350 -3.91 29.75 12.61
CA MET B 350 -3.59 30.80 13.59
C MET B 350 -2.77 31.94 12.96
N LEU B 351 -2.09 31.65 11.86
CA LEU B 351 -1.36 32.65 11.07
C LEU B 351 -2.23 33.29 10.00
N ASP B 352 -3.50 32.88 9.92
CA ASP B 352 -4.43 33.31 8.87
C ASP B 352 -4.01 32.79 7.49
N LYS B 353 -3.30 31.66 7.48
CA LYS B 353 -3.05 30.92 6.26
C LYS B 353 -4.16 29.87 6.20
N ARG B 354 -5.30 30.31 5.69
CA ARG B 354 -6.56 29.58 5.80
C ARG B 354 -6.52 28.26 5.05
N ARG B 355 -6.68 27.16 5.78
CA ARG B 355 -6.71 25.82 5.19
C ARG B 355 -7.58 24.86 6.00
N ALA B 356 -8.56 24.25 5.33
CA ALA B 356 -9.50 23.34 5.98
C ALA B 356 -8.92 21.96 6.25
N PHE B 357 -9.24 21.43 7.42
CA PHE B 357 -9.04 20.03 7.75
C PHE B 357 -10.06 19.19 6.99
N LYS B 358 -9.58 18.23 6.21
CA LYS B 358 -10.44 17.42 5.34
C LYS B 358 -11.12 16.27 6.09
N GLY B 359 -10.56 15.89 7.23
CA GLY B 359 -11.21 14.90 8.10
C GLY B 359 -10.41 13.63 8.36
N THR B 360 -10.93 12.84 9.31
CA THR B 360 -10.40 11.50 9.59
C THR B 360 -11.21 10.43 8.84
N LEU B 361 -10.59 9.29 8.61
CA LEU B 361 -11.29 8.13 8.07
C LEU B 361 -11.46 7.04 9.13
N GLY B 362 -10.90 7.27 10.31
CA GLY B 362 -10.93 6.26 11.36
C GLY B 362 -9.93 5.16 11.08
N THR B 363 -8.90 5.47 10.30
CA THR B 363 -7.86 4.50 10.00
C THR B 363 -7.09 4.09 11.26
N GLY B 364 -6.84 2.79 11.41
CA GLY B 364 -6.05 2.28 12.51
C GLY B 364 -5.35 1.00 12.11
N ILE B 365 -4.09 0.85 12.53
CA ILE B 365 -3.33 -0.35 12.27
C ILE B 365 -2.59 -0.81 13.53
N ILE B 366 -2.64 -2.11 13.79
CA ILE B 366 -2.06 -2.71 15.00
C ILE B 366 -1.26 -3.96 14.60
N LYS B 367 -0.03 -4.07 15.12
CA LYS B 367 0.69 -5.34 15.08
C LYS B 367 0.27 -6.20 16.27
N PHE B 368 -0.27 -7.39 15.98
CA PHE B 368 -0.68 -8.29 17.06
C PHE B 368 -0.10 -9.69 16.86
N MET B 369 1.02 -9.93 17.55
CA MET B 369 1.79 -11.16 17.41
C MET B 369 2.20 -11.34 15.95
N ASN B 370 1.72 -12.41 15.32
CA ASN B 370 2.01 -12.69 13.91
C ASN B 370 1.06 -11.99 12.95
N LEU B 371 0.01 -11.38 13.48
CA LEU B 371 -1.00 -10.73 12.64
C LEU B 371 -0.84 -9.21 12.58
N THR B 372 -1.28 -8.65 11.46
CA THR B 372 -1.43 -7.22 11.31
C THR B 372 -2.94 -6.99 11.21
N LEU B 373 -3.44 -6.08 12.03
CA LEU B 373 -4.87 -5.77 12.07
C LEU B 373 -5.10 -4.35 11.60
N ALA B 374 -5.85 -4.18 10.51
CA ALA B 374 -6.11 -2.85 9.99
C ALA B 374 -7.59 -2.61 9.68
N ARG B 375 -8.02 -1.36 9.90
CA ARG B 375 -9.37 -0.94 9.62
C ARG B 375 -9.40 0.53 9.22
N THR B 376 -10.43 0.90 8.46
CA THR B 376 -10.65 2.28 8.05
C THR B 376 -12.12 2.46 7.66
N GLY B 377 -12.61 3.70 7.72
CA GLY B 377 -14.01 4.00 7.44
C GLY B 377 -14.97 3.42 8.46
N LEU B 378 -16.15 3.02 8.00
CA LEU B 378 -17.18 2.47 8.86
C LEU B 378 -17.07 0.97 9.01
N ASN B 379 -17.29 0.48 10.23
CA ASN B 379 -17.62 -0.92 10.43
C ASN B 379 -19.15 -1.05 10.44
N GLU B 380 -19.62 -2.27 10.65
CA GLU B 380 -21.06 -2.54 10.58
C GLU B 380 -21.85 -1.84 11.68
N LYS B 381 -21.32 -1.80 12.88
CA LYS B 381 -22.00 -1.09 13.98
C LYS B 381 -22.15 0.42 13.68
N GLU B 382 -21.09 1.05 13.18
CA GLU B 382 -21.13 2.47 12.77
C GLU B 382 -22.14 2.73 11.67
N ALA B 383 -22.04 1.98 10.56
CA ALA B 383 -23.03 2.06 9.49
C ALA B 383 -24.47 1.91 9.99
N LYS B 384 -24.69 0.91 10.85
CA LYS B 384 -26.02 0.68 11.43
C LYS B 384 -26.48 1.86 12.27
N GLY B 385 -25.61 2.33 13.17
CA GLY B 385 -25.95 3.45 14.04
C GLY B 385 -26.24 4.75 13.27
N LEU B 386 -25.71 4.84 12.06
CA LEU B 386 -25.93 5.98 11.19
C LEU B 386 -27.13 5.83 10.26
N HIS B 387 -27.67 4.61 10.18
CA HIS B 387 -28.81 4.26 9.30
C HIS B 387 -28.50 4.47 7.80
N ILE B 388 -27.23 4.26 7.47
CA ILE B 388 -26.75 4.22 6.09
C ILE B 388 -26.96 2.81 5.54
N PRO B 389 -27.77 2.67 4.46
CA PRO B 389 -28.00 1.34 3.91
C PRO B 389 -26.74 0.80 3.24
N TYR B 390 -26.30 -0.38 3.65
CA TYR B 390 -25.02 -0.92 3.24
C TYR B 390 -25.06 -2.42 3.01
N LYS B 391 -24.07 -2.91 2.26
CA LYS B 391 -23.82 -4.33 2.09
C LYS B 391 -22.35 -4.59 2.36
N THR B 392 -21.99 -5.87 2.51
CA THR B 392 -20.61 -6.26 2.72
C THR B 392 -20.14 -7.32 1.71
N VAL B 393 -18.83 -7.33 1.48
CA VAL B 393 -18.18 -8.44 0.77
C VAL B 393 -16.97 -8.86 1.59
N LYS B 394 -16.83 -10.16 1.80
CA LYS B 394 -15.66 -10.69 2.48
C LYS B 394 -14.92 -11.68 1.60
N VAL B 395 -13.60 -11.50 1.52
CA VAL B 395 -12.76 -12.37 0.72
C VAL B 395 -11.67 -13.02 1.57
N ASP B 396 -11.56 -14.35 1.45
CA ASP B 396 -10.44 -15.10 1.97
C ASP B 396 -9.51 -15.33 0.78
N SER B 397 -8.33 -14.73 0.85
CA SER B 397 -7.45 -14.61 -0.31
C SER B 397 -6.00 -14.77 0.15
N THR B 398 -5.06 -14.48 -0.76
CA THR B 398 -3.65 -14.46 -0.40
C THR B 398 -3.11 -13.04 -0.59
N ASN B 399 -2.01 -12.74 0.09
CA ASN B 399 -1.34 -11.44 -0.04
C ASN B 399 -0.63 -11.28 -1.39
N MET B 400 -0.29 -12.40 -2.01
CA MET B 400 0.41 -12.41 -3.29
C MET B 400 0.05 -13.65 -4.11
N ALA B 401 0.58 -13.74 -5.32
CA ALA B 401 0.33 -14.87 -6.22
C ALA B 401 0.31 -16.19 -5.45
N GLY B 402 -0.80 -16.91 -5.57
CA GLY B 402 -1.01 -18.18 -4.86
C GLY B 402 0.08 -19.21 -5.10
N TYR B 403 0.69 -19.18 -6.28
CA TYR B 403 1.72 -20.15 -6.64
C TYR B 403 3.12 -19.77 -6.11
N TYR B 404 3.26 -18.55 -5.62
CA TYR B 404 4.55 -18.05 -5.13
C TYR B 404 4.81 -18.52 -3.70
N PRO B 405 6.05 -18.94 -3.39
CA PRO B 405 6.39 -19.47 -2.06
C PRO B 405 6.22 -18.46 -0.92
N ASN B 406 5.72 -18.95 0.22
CA ASN B 406 5.37 -18.11 1.37
C ASN B 406 4.28 -17.05 1.11
N ALA B 407 3.40 -17.34 0.14
CA ALA B 407 2.15 -16.59 0.01
C ALA B 407 1.32 -16.88 1.24
N LYS B 408 0.81 -15.84 1.87
CA LYS B 408 0.12 -15.99 3.15
C LYS B 408 -1.35 -15.60 3.04
N PRO B 409 -2.22 -16.19 3.88
CA PRO B 409 -3.63 -15.83 3.83
C PRO B 409 -3.86 -14.34 4.09
N LEU B 410 -4.85 -13.76 3.42
CA LEU B 410 -5.25 -12.39 3.65
C LEU B 410 -6.77 -12.31 3.71
N TYR B 411 -7.28 -11.82 4.83
CA TYR B 411 -8.71 -11.73 5.04
C TYR B 411 -9.13 -10.27 4.93
N LEU B 412 -10.07 -10.01 4.03
CA LEU B 412 -10.41 -8.65 3.65
C LEU B 412 -11.92 -8.52 3.58
N LYS B 413 -12.44 -7.45 4.18
CA LYS B 413 -13.86 -7.18 4.20
C LYS B 413 -14.10 -5.73 3.82
N LEU B 414 -15.09 -5.50 2.95
CA LEU B 414 -15.48 -4.16 2.56
C LEU B 414 -16.95 -3.91 2.84
N LEU B 415 -17.25 -2.68 3.22
CA LEU B 415 -18.62 -2.17 3.34
C LEU B 415 -18.81 -1.13 2.25
N TYR B 416 -20.00 -1.11 1.69
CA TYR B 416 -20.32 -0.19 0.61
C TYR B 416 -21.83 0.10 0.62
N ARG B 417 -22.22 1.29 0.18
CA ARG B 417 -23.62 1.71 0.15
C ARG B 417 -24.41 0.86 -0.84
N SER B 418 -25.57 0.36 -0.40
CA SER B 418 -26.47 -0.44 -1.24
C SER B 418 -26.95 0.31 -2.48
N ASP B 419 -27.26 1.60 -2.31
CA ASP B 419 -27.77 2.39 -3.42
C ASP B 419 -26.68 2.84 -4.40
N THR B 420 -25.79 3.71 -3.94
CA THR B 420 -24.77 4.35 -4.80
C THR B 420 -23.49 3.53 -4.99
N LYS B 421 -23.33 2.47 -4.19
CA LYS B 421 -22.10 1.65 -4.17
C LYS B 421 -20.86 2.36 -3.63
N GLN B 422 -21.05 3.54 -3.03
CA GLN B 422 -19.94 4.27 -2.43
C GLN B 422 -19.25 3.37 -1.40
N LEU B 423 -17.93 3.28 -1.50
CA LEU B 423 -17.15 2.53 -0.51
C LEU B 423 -17.29 3.23 0.84
N LEU B 424 -17.48 2.44 1.90
CA LEU B 424 -17.75 3.00 3.23
C LEU B 424 -16.69 2.65 4.26
N GLY B 425 -16.04 1.52 4.08
CA GLY B 425 -15.14 0.98 5.09
C GLY B 425 -14.51 -0.32 4.68
N GLY B 426 -13.41 -0.65 5.36
CA GLY B 426 -12.67 -1.87 5.12
C GLY B 426 -12.04 -2.39 6.39
N GLN B 427 -11.83 -3.71 6.44
CA GLN B 427 -11.09 -4.35 7.51
C GLN B 427 -10.23 -5.40 6.86
N VAL B 428 -8.93 -5.35 7.13
CA VAL B 428 -7.99 -6.31 6.57
C VAL B 428 -7.19 -6.93 7.71
N ILE B 429 -7.02 -8.25 7.66
CA ILE B 429 -6.29 -9.01 8.67
C ILE B 429 -5.45 -10.09 7.97
N GLY B 430 -4.19 -10.20 8.37
CA GLY B 430 -3.27 -11.16 7.78
C GLY B 430 -1.88 -10.97 8.32
N GLU B 431 -0.98 -11.88 7.95
CA GLU B 431 0.41 -11.82 8.39
C GLU B 431 1.24 -10.80 7.60
N GLU B 432 0.88 -10.60 6.33
CA GLU B 432 1.64 -9.75 5.42
C GLU B 432 0.75 -8.98 4.43
N GLY B 433 1.17 -7.77 4.08
CA GLY B 433 0.50 -6.98 3.03
C GLY B 433 -0.80 -6.32 3.44
N VAL B 434 -1.04 -6.26 4.75
CA VAL B 434 -2.23 -5.67 5.31
C VAL B 434 -2.19 -4.13 5.24
N ASP B 435 -1.04 -3.55 5.57
CA ASP B 435 -0.88 -2.09 5.55
C ASP B 435 -1.08 -1.49 4.15
N LYS B 436 -0.58 -2.18 3.13
CA LYS B 436 -0.81 -1.80 1.74
C LYS B 436 -2.29 -1.73 1.38
N ARG B 437 -3.03 -2.76 1.76
CA ARG B 437 -4.45 -2.85 1.42
C ARG B 437 -5.30 -1.79 2.14
N ILE B 438 -5.00 -1.53 3.41
CA ILE B 438 -5.77 -0.56 4.15
C ILE B 438 -5.47 0.87 3.67
N ASP B 439 -4.23 1.11 3.22
CA ASP B 439 -3.87 2.41 2.66
C ASP B 439 -4.56 2.66 1.32
N VAL B 440 -4.66 1.63 0.49
CA VAL B 440 -5.40 1.72 -0.76
C VAL B 440 -6.88 1.98 -0.47
N ILE B 441 -7.45 1.25 0.48
CA ILE B 441 -8.84 1.45 0.86
C ILE B 441 -9.07 2.87 1.41
N ALA B 442 -8.16 3.37 2.25
CA ALA B 442 -8.20 4.73 2.76
C ALA B 442 -8.19 5.76 1.63
N MET B 443 -7.33 5.55 0.63
CA MET B 443 -7.29 6.41 -0.54
C MET B 443 -8.63 6.40 -1.28
N ALA B 444 -9.25 5.22 -1.37
CA ALA B 444 -10.53 5.09 -2.06
C ALA B 444 -11.63 5.82 -1.31
N LEU B 445 -11.64 5.66 0.02
CA LEU B 445 -12.61 6.35 0.87
C LEU B 445 -12.43 7.88 0.81
N PHE B 446 -11.19 8.33 0.84
CA PHE B 446 -10.91 9.76 0.77
C PHE B 446 -11.47 10.38 -0.51
N ASN B 447 -11.36 9.66 -1.62
CA ASN B 447 -11.86 10.12 -2.91
C ASN B 447 -13.31 9.73 -3.20
N LYS B 448 -14.02 9.24 -2.19
CA LYS B 448 -15.42 8.86 -2.33
C LYS B 448 -15.66 7.96 -3.55
N MET B 449 -14.77 7.02 -3.77
CA MET B 449 -14.90 6.10 -4.90
C MET B 449 -16.03 5.12 -4.67
N SER B 450 -16.72 4.78 -5.76
CA SER B 450 -17.61 3.64 -5.80
C SER B 450 -16.77 2.37 -5.70
N ILE B 451 -17.32 1.34 -5.07
CA ILE B 451 -16.57 0.09 -4.87
C ILE B 451 -16.09 -0.53 -6.19
N HIS B 452 -16.92 -0.44 -7.24
CA HIS B 452 -16.56 -0.98 -8.54
C HIS B 452 -15.47 -0.19 -9.28
N ASP B 453 -15.28 1.08 -8.93
CA ASP B 453 -14.20 1.89 -9.49
C ASP B 453 -12.83 1.31 -9.14
N LEU B 454 -12.77 0.58 -8.02
CA LEU B 454 -11.53 -0.10 -7.58
C LEU B 454 -11.01 -1.09 -8.63
N GLU B 455 -11.93 -1.68 -9.40
CA GLU B 455 -11.58 -2.62 -10.46
C GLU B 455 -10.74 -1.99 -11.56
N ASP B 456 -10.83 -0.67 -11.69
CA ASP B 456 -10.24 0.04 -12.82
C ASP B 456 -8.86 0.63 -12.52
N VAL B 457 -8.46 0.64 -11.25
CA VAL B 457 -7.19 1.22 -10.84
C VAL B 457 -6.01 0.33 -11.20
N ASP B 458 -5.03 0.93 -11.88
CA ASP B 458 -3.79 0.25 -12.26
C ASP B 458 -2.87 0.12 -11.04
N LEU B 459 -3.23 -0.78 -10.12
CA LEU B 459 -2.37 -1.13 -8.99
C LEU B 459 -1.21 -2.01 -9.48
N SER B 460 -0.16 -2.11 -8.67
CA SER B 460 1.03 -2.86 -9.08
C SER B 460 0.86 -4.37 -8.90
N TYR B 461 1.47 -5.11 -9.82
CA TYR B 461 1.57 -6.56 -9.70
C TYR B 461 2.90 -7.10 -10.17
N ALA B 462 3.57 -7.79 -9.25
CA ALA B 462 4.53 -8.82 -9.59
C ALA B 462 4.33 -9.90 -8.54
N PRO B 463 4.64 -11.18 -8.88
CA PRO B 463 4.33 -12.31 -7.98
C PRO B 463 4.74 -12.16 -6.51
N PRO B 464 5.93 -11.58 -6.22
CA PRO B 464 6.30 -11.40 -4.81
C PRO B 464 5.51 -10.35 -4.03
N TYR B 465 4.57 -9.65 -4.67
CA TYR B 465 3.89 -8.51 -4.01
C TYR B 465 2.37 -8.57 -4.04
N ASN B 466 1.80 -9.13 -5.10
CA ASN B 466 0.36 -9.13 -5.26
C ASN B 466 -0.08 -10.28 -6.14
N SER B 467 -1.38 -10.36 -6.41
CA SER B 467 -1.90 -11.17 -7.49
C SER B 467 -2.29 -10.23 -8.63
N VAL B 468 -2.48 -10.79 -9.82
CA VAL B 468 -2.79 -9.99 -10.99
C VAL B 468 -4.06 -9.15 -10.81
N TRP B 469 -5.00 -9.67 -10.01
CA TRP B 469 -6.06 -8.87 -9.42
C TRP B 469 -5.78 -8.80 -7.92
N ASP B 470 -5.64 -7.58 -7.39
CA ASP B 470 -5.47 -7.38 -5.95
C ASP B 470 -6.72 -7.87 -5.21
N PRO B 471 -6.56 -8.43 -3.99
CA PRO B 471 -7.72 -8.87 -3.17
C PRO B 471 -8.84 -7.83 -3.03
N ILE B 472 -8.49 -6.55 -2.95
CA ILE B 472 -9.48 -5.48 -2.89
C ILE B 472 -10.33 -5.49 -4.16
N GLN B 473 -9.68 -5.74 -5.28
CA GLN B 473 -10.34 -5.74 -6.58
C GLN B 473 -11.19 -6.99 -6.76
N GLN B 474 -10.72 -8.12 -6.24
CA GLN B 474 -11.55 -9.34 -6.24
C GLN B 474 -12.77 -9.16 -5.36
N ALA B 475 -12.60 -8.55 -4.19
CA ALA B 475 -13.74 -8.22 -3.33
C ALA B 475 -14.72 -7.32 -4.07
N ALA B 476 -14.21 -6.27 -4.70
CA ALA B 476 -15.03 -5.32 -5.43
C ALA B 476 -15.88 -5.97 -6.51
N ARG B 477 -15.29 -6.92 -7.23
CA ARG B 477 -15.99 -7.70 -8.25
C ARG B 477 -17.16 -8.52 -7.69
N ARG B 478 -17.07 -8.92 -6.42
CA ARG B 478 -18.12 -9.73 -5.77
C ARG B 478 -19.31 -8.88 -5.35
N ALA B 479 -19.08 -7.58 -5.21
CA ALA B 479 -20.09 -6.64 -4.75
C ALA B 479 -21.25 -6.56 -5.74
N GLU B 480 -22.43 -6.20 -5.23
CA GLU B 480 -23.63 -6.08 -6.04
C GLU B 480 -23.66 -4.81 -6.89
#